data_1NUA
#
_entry.id   1NUA
#
_cell.length_a   40.590
_cell.length_b   68.320
_cell.length_c   135.030
_cell.angle_alpha   90.00
_cell.angle_beta   84.69
_cell.angle_gamma   90.00
#
_symmetry.space_group_name_H-M   'P 1 21 1'
#
loop_
_entity.id
_entity.type
_entity.pdbx_description
1 polymer '3-DEHYDROQUINATE SYNTHASE'
2 non-polymer 'ZINC ION'
3 non-polymer 'CHLORIDE ION'
4 water water
#
_entity_poly.entity_id   1
_entity_poly.type   'polypeptide(L)'
_entity_poly.pdbx_seq_one_letter_code
;MSNPTKISILGRESIIADFGLWRNYVAKDLISDCSSTTYVLVTDTNIGSIYTPSFEEAFRKRAAEITPSPRLLIYNRPPG
EVSKSRQTKADIEDWMLSQNPPCGRDTVVIALGGGVIGDLTGFVASTYMRGVRYVQVPTTLLAMVDSSIGGKTAIDTPLG
KNLIGAIWQPTKIYIDLEFLETLPVREFINGMAEVIKTAAISSEEEFTALEENAETILKAVRREVTPGEHRFEGTEEILK
ARILASARHKAYVVSADEREGGLRNLLNWGHSIGHAIEAILTPQILHGECVAIGMVKEAELARHLGILKGVAVSRIVKCL
AAYGLPTSLKDARIRKLTAGKHCSVDQLMFNMALDKKNDGPKKKIVLLSAIGTPYETRASVVANEDIRVVLAP
;
_entity_poly.pdbx_strand_id   A,B
#
# COMPACT_ATOMS: atom_id res chain seq x y z
N ASN A 3 0.75 -23.47 26.31
CA ASN A 3 1.89 -22.59 26.73
C ASN A 3 2.23 -21.55 25.65
N PRO A 4 1.88 -21.81 24.37
CA PRO A 4 2.19 -20.83 23.33
C PRO A 4 1.26 -19.63 23.44
N THR A 5 1.52 -18.76 24.41
CA THR A 5 0.69 -17.57 24.63
C THR A 5 0.26 -16.88 23.34
N LYS A 6 -1.04 -16.75 23.16
CA LYS A 6 -1.56 -16.11 21.97
C LYS A 6 -2.23 -14.80 22.34
N ILE A 7 -1.98 -13.77 21.55
CA ILE A 7 -2.56 -12.47 21.81
C ILE A 7 -3.24 -12.05 20.53
N SER A 8 -4.44 -11.49 20.65
CA SER A 8 -5.17 -11.04 19.47
C SER A 8 -4.96 -9.56 19.15
N ILE A 9 -5.21 -9.21 17.91
CA ILE A 9 -5.07 -7.84 17.46
C ILE A 9 -5.98 -7.65 16.26
N LEU A 10 -6.90 -6.70 16.39
CA LEU A 10 -7.85 -6.39 15.34
C LEU A 10 -8.75 -7.56 14.89
N GLY A 11 -9.19 -8.39 15.83
CA GLY A 11 -10.05 -9.51 15.46
C GLY A 11 -9.46 -10.86 15.82
N ARG A 12 -8.53 -11.37 15.01
CA ARG A 12 -7.90 -12.67 15.28
C ARG A 12 -6.54 -12.52 15.93
N GLU A 13 -6.09 -13.62 16.53
CA GLU A 13 -4.80 -13.68 17.22
C GLU A 13 -3.64 -13.98 16.25
N SER A 14 -2.81 -12.97 16.01
CA SER A 14 -1.67 -13.13 15.14
C SER A 14 -0.39 -13.20 15.98
N ILE A 15 -0.48 -12.74 17.22
CA ILE A 15 0.69 -12.73 18.12
C ILE A 15 0.82 -14.04 18.88
N ILE A 16 1.93 -14.73 18.66
CA ILE A 16 2.23 -16.00 19.33
C ILE A 16 3.57 -15.84 20.02
N ALA A 17 3.56 -15.82 21.34
CA ALA A 17 4.79 -15.64 22.12
C ALA A 17 5.18 -16.79 23.00
N ASP A 18 6.44 -17.19 22.91
CA ASP A 18 6.98 -18.28 23.71
C ASP A 18 8.47 -18.49 23.40
N PHE A 19 9.12 -19.26 24.26
CA PHE A 19 10.54 -19.56 24.10
C PHE A 19 10.77 -20.71 23.12
N GLY A 20 11.54 -20.46 22.07
CA GLY A 20 11.83 -21.52 21.12
C GLY A 20 10.90 -21.69 19.92
N LEU A 21 10.08 -20.68 19.64
CA LEU A 21 9.17 -20.76 18.51
C LEU A 21 9.90 -20.94 17.18
N TRP A 22 11.00 -20.22 17.02
CA TRP A 22 11.77 -20.26 15.79
C TRP A 22 12.29 -21.64 15.41
N ARG A 23 12.51 -22.47 16.43
CA ARG A 23 13.04 -23.80 16.21
C ARG A 23 11.99 -24.91 16.11
N ASN A 24 10.97 -24.86 16.96
CA ASN A 24 9.98 -25.93 16.98
C ASN A 24 8.53 -25.59 16.59
N TYR A 25 8.26 -24.34 16.21
CA TYR A 25 6.87 -23.96 15.94
C TYR A 25 6.60 -23.15 14.68
N VAL A 26 7.48 -22.20 14.40
CA VAL A 26 7.30 -21.35 13.23
C VAL A 26 7.11 -22.10 11.90
N ALA A 27 8.15 -22.80 11.46
CA ALA A 27 8.10 -23.54 10.19
C ALA A 27 6.81 -24.35 10.06
N LYS A 28 6.50 -25.14 11.08
CA LYS A 28 5.29 -25.97 11.09
C LYS A 28 4.03 -25.10 10.97
N ASP A 29 3.91 -24.09 11.84
CA ASP A 29 2.73 -23.21 11.84
C ASP A 29 2.48 -22.54 10.50
N LEU A 30 3.54 -22.04 9.86
CA LEU A 30 3.40 -21.37 8.57
C LEU A 30 2.68 -22.27 7.60
N ILE A 31 3.18 -23.49 7.45
CA ILE A 31 2.56 -24.44 6.54
C ILE A 31 1.09 -24.71 6.83
N SER A 32 0.76 -24.99 8.10
CA SER A 32 -0.63 -25.29 8.46
C SER A 32 -1.60 -24.10 8.51
N ASP A 33 -1.13 -22.90 8.87
CA ASP A 33 -2.02 -21.76 8.94
C ASP A 33 -1.83 -20.77 7.80
N CYS A 34 -0.67 -20.83 7.15
CA CYS A 34 -0.39 -19.93 6.03
C CYS A 34 -0.04 -20.74 4.80
N SER A 35 -0.91 -21.68 4.46
CA SER A 35 -0.70 -22.54 3.31
C SER A 35 -0.16 -21.72 2.13
N SER A 36 0.81 -22.30 1.42
CA SER A 36 1.45 -21.64 0.28
C SER A 36 2.49 -22.56 -0.36
N THR A 37 2.90 -22.21 -1.56
CA THR A 37 3.91 -22.99 -2.30
C THR A 37 5.25 -22.29 -2.20
N THR A 38 5.19 -21.01 -1.85
CA THR A 38 6.38 -20.21 -1.70
C THR A 38 6.41 -19.44 -0.39
N TYR A 39 7.53 -19.58 0.31
CA TYR A 39 7.78 -18.89 1.57
C TYR A 39 9.09 -18.12 1.44
N VAL A 40 9.01 -16.79 1.42
CA VAL A 40 10.20 -15.96 1.28
C VAL A 40 10.66 -15.39 2.61
N LEU A 41 11.88 -15.72 3.01
CA LEU A 41 12.48 -15.26 4.26
C LEU A 41 13.42 -14.09 4.02
N VAL A 42 13.22 -13.01 4.76
CA VAL A 42 14.09 -11.84 4.62
C VAL A 42 14.79 -11.60 5.97
N THR A 43 16.07 -11.23 5.92
CA THR A 43 16.89 -10.98 7.12
C THR A 43 18.19 -10.33 6.65
N ASP A 44 19.03 -9.91 7.59
CA ASP A 44 20.33 -9.35 7.22
C ASP A 44 21.34 -10.48 7.41
N THR A 45 22.48 -10.39 6.72
CA THR A 45 23.51 -11.41 6.77
C THR A 45 23.86 -11.93 8.17
N ASN A 46 24.05 -11.02 9.11
CA ASN A 46 24.39 -11.39 10.49
C ASN A 46 23.28 -12.23 11.13
N ILE A 47 22.08 -11.66 11.25
CA ILE A 47 20.96 -12.35 11.85
C ILE A 47 20.67 -13.68 11.14
N GLY A 48 20.90 -13.71 9.83
CA GLY A 48 20.65 -14.92 9.08
C GLY A 48 21.72 -15.99 9.21
N SER A 49 22.96 -15.56 9.39
CA SER A 49 24.05 -16.52 9.53
C SER A 49 23.91 -17.28 10.84
N ILE A 50 23.15 -16.72 11.77
CA ILE A 50 22.96 -17.35 13.07
C ILE A 50 21.71 -18.22 13.15
N TYR A 51 20.57 -17.64 12.75
CA TYR A 51 19.30 -18.33 12.85
C TYR A 51 18.74 -18.99 11.60
N THR A 52 19.04 -18.47 10.43
CA THR A 52 18.50 -19.06 9.21
C THR A 52 18.80 -20.57 9.12
N PRO A 53 20.06 -20.98 9.32
CA PRO A 53 20.46 -22.39 9.27
C PRO A 53 19.50 -23.36 9.96
N SER A 54 19.28 -23.18 11.26
CA SER A 54 18.39 -24.05 12.01
C SER A 54 16.97 -24.04 11.48
N PHE A 55 16.59 -22.97 10.78
CA PHE A 55 15.26 -22.88 10.22
C PHE A 55 15.11 -23.68 8.92
N GLU A 56 16.06 -23.52 8.02
CA GLU A 56 15.99 -24.24 6.76
C GLU A 56 15.68 -25.69 7.08
N GLU A 57 16.33 -26.22 8.11
CA GLU A 57 16.12 -27.61 8.51
C GLU A 57 14.74 -27.83 9.07
N ALA A 58 14.32 -26.96 9.98
CA ALA A 58 12.99 -27.08 10.57
C ALA A 58 11.91 -26.98 9.49
N PHE A 59 12.29 -26.40 8.35
CA PHE A 59 11.37 -26.21 7.24
C PHE A 59 11.11 -27.48 6.43
N ARG A 60 12.15 -28.05 5.81
CA ARG A 60 11.97 -29.25 5.01
C ARG A 60 11.31 -30.35 5.84
N LYS A 61 11.72 -30.42 7.09
CA LYS A 61 11.17 -31.38 8.05
C LYS A 61 9.65 -31.37 7.91
N ARG A 62 9.05 -30.27 8.35
CA ARG A 62 7.62 -30.08 8.32
C ARG A 62 7.02 -29.77 6.95
N ALA A 63 7.88 -29.47 5.99
CA ALA A 63 7.44 -29.16 4.63
C ALA A 63 7.38 -30.43 3.79
N ALA A 64 8.12 -31.44 4.19
CA ALA A 64 8.17 -32.70 3.46
C ALA A 64 6.91 -33.54 3.64
N GLU A 65 6.12 -33.24 4.66
CA GLU A 65 4.92 -34.03 4.88
C GLU A 65 3.81 -33.60 3.93
N ILE A 66 4.17 -32.75 2.96
CA ILE A 66 3.22 -32.22 2.00
C ILE A 66 3.63 -32.50 0.53
N THR A 67 2.62 -32.69 -0.33
CA THR A 67 2.82 -32.96 -1.74
C THR A 67 1.89 -32.10 -2.61
N PRO A 68 2.48 -31.26 -3.48
CA PRO A 68 3.94 -31.13 -3.60
C PRO A 68 4.46 -30.33 -2.42
N SER A 69 5.75 -30.46 -2.11
CA SER A 69 6.31 -29.72 -0.99
C SER A 69 6.55 -28.23 -1.34
N PRO A 70 6.19 -27.32 -0.41
CA PRO A 70 6.37 -25.88 -0.65
C PRO A 70 7.87 -25.57 -0.66
N ARG A 71 8.24 -24.43 -1.20
CA ARG A 71 9.64 -24.10 -1.25
C ARG A 71 9.97 -22.97 -0.29
N LEU A 72 11.26 -22.80 -0.05
CA LEU A 72 11.75 -21.73 0.82
C LEU A 72 12.84 -21.00 0.06
N LEU A 73 12.59 -19.72 -0.20
CA LEU A 73 13.55 -18.89 -0.90
C LEU A 73 14.04 -17.94 0.19
N ILE A 74 15.36 -17.72 0.22
CA ILE A 74 15.94 -16.86 1.25
C ILE A 74 16.70 -15.67 0.69
N TYR A 75 16.54 -14.53 1.33
CA TYR A 75 17.19 -13.30 0.91
C TYR A 75 17.85 -12.64 2.11
N ASN A 76 19.16 -12.38 2.00
CA ASN A 76 19.91 -11.74 3.08
C ASN A 76 20.36 -10.36 2.64
N ARG A 77 19.74 -9.34 3.23
CA ARG A 77 20.07 -7.95 2.93
C ARG A 77 21.19 -7.49 3.85
N PRO A 78 21.98 -6.51 3.41
CA PRO A 78 23.08 -6.03 4.25
C PRO A 78 22.56 -5.46 5.57
N PRO A 79 23.29 -5.69 6.68
CA PRO A 79 22.88 -5.18 7.99
C PRO A 79 22.80 -3.63 8.03
N GLY A 80 22.30 -3.10 9.14
CA GLY A 80 22.19 -1.66 9.28
C GLY A 80 20.90 -1.14 8.71
N GLU A 81 20.52 0.09 9.07
CA GLU A 81 19.28 0.67 8.58
C GLU A 81 19.51 1.13 7.16
N VAL A 82 20.61 0.65 6.59
CA VAL A 82 20.99 0.95 5.21
C VAL A 82 20.05 0.22 4.26
N SER A 83 19.87 -1.07 4.52
CA SER A 83 18.99 -1.90 3.70
C SER A 83 17.51 -1.48 3.72
N LYS A 84 17.17 -0.44 4.48
CA LYS A 84 15.80 0.04 4.56
C LYS A 84 15.60 1.21 3.59
N SER A 85 15.80 0.95 2.31
CA SER A 85 15.70 1.99 1.28
C SER A 85 14.86 1.60 0.06
N ARG A 86 14.65 2.56 -0.83
CA ARG A 86 13.87 2.31 -2.04
C ARG A 86 14.54 1.29 -2.93
N GLN A 87 15.88 1.25 -2.91
CA GLN A 87 16.62 0.32 -3.76
C GLN A 87 16.75 -1.09 -3.22
N THR A 88 16.74 -1.28 -1.91
CA THR A 88 16.81 -2.63 -1.40
C THR A 88 15.43 -3.25 -1.56
N LYS A 89 14.40 -2.44 -1.31
CA LYS A 89 13.03 -2.90 -1.47
C LYS A 89 12.91 -3.42 -2.88
N ALA A 90 13.54 -2.71 -3.82
CA ALA A 90 13.54 -3.08 -5.23
C ALA A 90 14.38 -4.33 -5.50
N ASP A 91 15.57 -4.39 -4.91
CA ASP A 91 16.44 -5.55 -5.07
C ASP A 91 15.68 -6.80 -4.69
N ILE A 92 14.87 -6.69 -3.66
CA ILE A 92 14.10 -7.81 -3.18
C ILE A 92 12.98 -8.18 -4.13
N GLU A 93 12.20 -7.18 -4.51
CA GLU A 93 11.07 -7.39 -5.41
C GLU A 93 11.54 -8.06 -6.68
N ASP A 94 12.54 -7.47 -7.32
CA ASP A 94 13.08 -8.03 -8.56
C ASP A 94 13.60 -9.44 -8.32
N TRP A 95 14.17 -9.66 -7.14
CA TRP A 95 14.71 -10.97 -6.74
C TRP A 95 13.59 -12.02 -6.67
N MET A 96 12.48 -11.67 -6.05
CA MET A 96 11.35 -12.60 -5.94
C MET A 96 10.73 -12.84 -7.32
N LEU A 97 10.60 -11.77 -8.09
CA LEU A 97 10.04 -11.84 -9.44
C LEU A 97 10.90 -12.66 -10.39
N SER A 98 12.16 -12.86 -10.04
CA SER A 98 13.08 -13.60 -10.91
C SER A 98 13.19 -15.10 -10.69
N GLN A 99 12.79 -15.58 -9.53
CA GLN A 99 12.88 -17.01 -9.28
C GLN A 99 12.02 -17.72 -10.31
N ASN A 100 12.25 -19.02 -10.48
CA ASN A 100 11.42 -19.79 -11.40
C ASN A 100 10.91 -20.99 -10.64
N PRO A 101 9.58 -21.06 -10.45
CA PRO A 101 8.62 -20.05 -10.94
C PRO A 101 8.66 -18.73 -10.17
N PRO A 102 8.24 -17.63 -10.81
CA PRO A 102 8.25 -16.34 -10.12
C PRO A 102 7.40 -16.43 -8.84
N CYS A 103 7.80 -15.73 -7.79
CA CYS A 103 7.01 -15.74 -6.55
C CYS A 103 5.65 -15.14 -6.89
N GLY A 104 4.59 -15.91 -6.69
CA GLY A 104 3.24 -15.44 -6.98
C GLY A 104 2.54 -14.74 -5.84
N ARG A 105 1.22 -14.61 -5.91
CA ARG A 105 0.44 -13.93 -4.88
C ARG A 105 0.18 -14.77 -3.63
N ASP A 106 0.55 -16.04 -3.68
CA ASP A 106 0.35 -16.93 -2.53
C ASP A 106 1.56 -16.85 -1.63
N THR A 107 2.61 -16.18 -2.10
CA THR A 107 3.84 -16.02 -1.34
C THR A 107 3.55 -15.58 0.09
N VAL A 108 4.43 -16.00 1.00
CA VAL A 108 4.34 -15.63 2.40
C VAL A 108 5.73 -15.17 2.78
N VAL A 109 5.86 -13.87 3.05
CA VAL A 109 7.15 -13.29 3.40
C VAL A 109 7.43 -13.40 4.90
N ILE A 110 8.66 -13.76 5.25
CA ILE A 110 9.07 -13.89 6.65
C ILE A 110 10.01 -12.72 6.96
N ALA A 111 9.69 -11.96 7.99
CA ALA A 111 10.52 -10.84 8.38
C ALA A 111 11.31 -11.20 9.61
N LEU A 112 12.51 -11.73 9.43
CA LEU A 112 13.36 -12.12 10.58
C LEU A 112 14.41 -11.04 10.85
N GLY A 113 14.16 -10.25 11.89
CA GLY A 113 15.07 -9.18 12.25
C GLY A 113 14.38 -8.16 13.14
N GLY A 114 14.95 -6.97 13.24
CA GLY A 114 14.35 -5.94 14.09
C GLY A 114 13.58 -4.88 13.32
N GLY A 115 13.50 -3.70 13.91
CA GLY A 115 12.78 -2.60 13.28
C GLY A 115 13.12 -2.45 11.82
N VAL A 116 14.41 -2.40 11.49
CA VAL A 116 14.86 -2.24 10.11
C VAL A 116 14.32 -3.33 9.20
N ILE A 117 14.52 -4.58 9.60
CA ILE A 117 14.04 -5.70 8.80
C ILE A 117 12.52 -5.71 8.75
N GLY A 118 11.88 -5.50 9.89
CA GLY A 118 10.44 -5.51 9.94
C GLY A 118 9.77 -4.48 9.04
N ASP A 119 10.20 -3.23 9.11
CA ASP A 119 9.62 -2.16 8.31
C ASP A 119 9.80 -2.36 6.81
N LEU A 120 11.01 -2.72 6.40
CA LEU A 120 11.33 -2.95 5.00
C LEU A 120 10.54 -4.14 4.44
N THR A 121 10.73 -5.29 5.09
CA THR A 121 10.05 -6.52 4.70
C THR A 121 8.54 -6.31 4.68
N GLY A 122 7.98 -5.76 5.75
CA GLY A 122 6.55 -5.51 5.80
C GLY A 122 6.06 -4.68 4.63
N PHE A 123 6.83 -3.68 4.23
CA PHE A 123 6.46 -2.78 3.15
C PHE A 123 6.62 -3.43 1.78
N VAL A 124 7.54 -4.38 1.66
CA VAL A 124 7.75 -5.06 0.39
C VAL A 124 6.52 -5.90 0.04
N ALA A 125 6.06 -6.65 1.04
CA ALA A 125 4.90 -7.52 0.89
C ALA A 125 3.63 -6.75 0.62
N SER A 126 3.53 -5.56 1.19
CA SER A 126 2.34 -4.73 1.03
C SER A 126 2.10 -4.30 -0.41
N THR A 127 3.18 -4.17 -1.18
CA THR A 127 3.07 -3.78 -2.59
C THR A 127 3.41 -4.89 -3.58
N TYR A 128 4.01 -5.98 -3.11
CA TYR A 128 4.36 -7.06 -4.03
C TYR A 128 3.09 -7.55 -4.71
N MET A 129 2.96 -7.26 -6.00
CA MET A 129 1.77 -7.65 -6.75
C MET A 129 0.50 -7.17 -6.04
N ARG A 130 0.57 -5.92 -5.55
CA ARG A 130 -0.49 -5.23 -4.82
C ARG A 130 -0.88 -5.83 -3.47
N GLY A 131 0.02 -6.62 -2.90
CA GLY A 131 -0.25 -7.23 -1.61
C GLY A 131 -0.18 -8.74 -1.47
N VAL A 132 0.69 -9.19 -0.58
CA VAL A 132 0.86 -10.63 -0.29
C VAL A 132 0.95 -10.82 1.24
N ARG A 133 0.65 -12.03 1.72
CA ARG A 133 0.72 -12.29 3.14
C ARG A 133 2.14 -12.22 3.66
N TYR A 134 2.30 -11.92 4.95
CA TYR A 134 3.62 -11.89 5.55
C TYR A 134 3.51 -12.04 7.06
N VAL A 135 4.57 -12.54 7.68
CA VAL A 135 4.59 -12.74 9.13
C VAL A 135 5.80 -12.07 9.77
N GLN A 136 5.69 -11.74 11.05
CA GLN A 136 6.78 -11.08 11.76
C GLN A 136 7.44 -11.93 12.80
N VAL A 137 8.77 -11.93 12.76
CA VAL A 137 9.58 -12.66 13.73
C VAL A 137 10.61 -11.69 14.27
N PRO A 138 10.19 -10.79 15.15
CA PRO A 138 11.12 -9.81 15.73
C PRO A 138 12.23 -10.48 16.51
N THR A 139 13.46 -10.06 16.25
CA THR A 139 14.66 -10.58 16.89
C THR A 139 15.11 -9.69 18.06
N THR A 140 14.65 -8.44 18.05
CA THR A 140 15.01 -7.47 19.08
C THR A 140 13.84 -7.21 20.02
N LEU A 141 14.15 -6.81 21.24
CA LEU A 141 13.11 -6.52 22.24
C LEU A 141 12.17 -5.41 21.80
N LEU A 142 12.76 -4.32 21.29
CA LEU A 142 12.00 -3.17 20.82
C LEU A 142 11.04 -3.59 19.72
N ALA A 143 11.49 -4.49 18.86
CA ALA A 143 10.67 -4.98 17.76
C ALA A 143 9.57 -5.90 18.27
N MET A 144 9.89 -6.66 19.32
CA MET A 144 8.94 -7.60 19.89
C MET A 144 7.70 -6.94 20.48
N VAL A 145 7.89 -5.92 21.30
CA VAL A 145 6.76 -5.24 21.94
C VAL A 145 6.17 -4.00 21.27
N ASP A 146 6.88 -3.42 20.31
CA ASP A 146 6.40 -2.21 19.65
C ASP A 146 6.41 -2.30 18.12
N SER A 147 7.62 -2.36 17.56
CA SER A 147 7.85 -2.42 16.12
C SER A 147 6.95 -3.36 15.30
N SER A 148 7.08 -4.67 15.52
CA SER A 148 6.30 -5.69 14.78
C SER A 148 4.78 -5.56 14.83
N ILE A 149 4.29 -5.07 15.96
CA ILE A 149 2.85 -4.91 16.20
C ILE A 149 2.31 -3.57 15.73
N GLY A 150 1.26 -3.60 14.91
CA GLY A 150 0.68 -2.34 14.45
C GLY A 150 0.44 -2.29 12.95
N GLY A 151 1.24 -3.04 12.19
CA GLY A 151 1.08 -3.04 10.74
C GLY A 151 1.70 -1.85 10.04
N LYS A 152 2.51 -1.07 10.76
CA LYS A 152 3.19 0.08 10.15
C LYS A 152 4.49 -0.38 9.48
N THR A 153 4.57 -0.16 8.18
CA THR A 153 5.75 -0.53 7.39
C THR A 153 6.18 0.68 6.56
N ALA A 154 7.47 0.75 6.24
CA ALA A 154 7.99 1.86 5.44
C ALA A 154 9.50 1.78 5.22
N ILE A 155 10.06 2.76 4.51
CA ILE A 155 11.48 2.83 4.23
C ILE A 155 11.92 4.26 4.49
N ASP A 156 13.24 4.49 4.46
CA ASP A 156 13.75 5.84 4.67
C ASP A 156 14.30 6.45 3.39
N THR A 157 14.23 7.78 3.33
CA THR A 157 14.73 8.51 2.17
C THR A 157 15.71 9.56 2.72
N PRO A 158 16.52 10.16 1.82
CA PRO A 158 17.50 11.18 2.18
C PRO A 158 16.86 12.39 2.85
N LEU A 159 15.54 12.49 2.76
CA LEU A 159 14.81 13.60 3.35
C LEU A 159 14.16 13.25 4.69
N GLY A 160 14.19 11.97 5.07
CA GLY A 160 13.58 11.58 6.33
C GLY A 160 13.26 10.10 6.49
N LYS A 161 12.92 9.73 7.72
CA LYS A 161 12.58 8.35 8.07
C LYS A 161 11.11 8.04 7.82
N ASN A 162 10.84 6.78 7.48
CA ASN A 162 9.49 6.28 7.21
C ASN A 162 8.61 7.29 6.50
N LEU A 163 9.02 7.70 5.30
CA LEU A 163 8.24 8.66 4.54
C LEU A 163 7.38 8.00 3.48
N ILE A 164 7.83 6.84 3.00
CA ILE A 164 7.12 6.07 2.01
C ILE A 164 6.82 4.72 2.62
N GLY A 165 5.56 4.34 2.66
CA GLY A 165 5.21 3.06 3.25
C GLY A 165 3.71 2.83 3.24
N ALA A 166 3.27 1.77 3.90
CA ALA A 166 1.86 1.46 3.94
C ALA A 166 1.52 0.72 5.22
N ILE A 167 0.22 0.68 5.54
CA ILE A 167 -0.29 -0.03 6.70
C ILE A 167 -0.70 -1.39 6.19
N TRP A 168 0.11 -2.41 6.50
CA TRP A 168 -0.14 -3.77 6.07
C TRP A 168 0.02 -4.64 7.31
N GLN A 169 -1.06 -5.26 7.75
CA GLN A 169 -1.00 -6.09 8.94
C GLN A 169 -0.35 -7.45 8.67
N PRO A 170 0.52 -7.89 9.57
CA PRO A 170 1.17 -9.18 9.38
C PRO A 170 0.18 -10.31 9.71
N THR A 171 0.19 -11.37 8.91
CA THR A 171 -0.71 -12.48 9.16
C THR A 171 -0.39 -13.14 10.50
N LYS A 172 0.89 -13.14 10.86
CA LYS A 172 1.36 -13.73 12.10
C LYS A 172 2.49 -12.89 12.69
N ILE A 173 2.63 -12.95 14.01
CA ILE A 173 3.69 -12.24 14.71
C ILE A 173 4.27 -13.22 15.73
N TYR A 174 5.40 -13.83 15.38
CA TYR A 174 6.05 -14.80 16.25
C TYR A 174 7.05 -14.17 17.19
N ILE A 175 6.70 -14.10 18.47
CA ILE A 175 7.56 -13.51 19.48
C ILE A 175 8.40 -14.59 20.17
N ASP A 176 9.55 -14.94 19.61
CA ASP A 176 10.40 -15.94 20.23
C ASP A 176 11.27 -15.24 21.29
N LEU A 177 10.88 -15.36 22.56
CA LEU A 177 11.60 -14.74 23.65
C LEU A 177 12.99 -15.33 23.83
N GLU A 178 13.36 -16.27 22.95
CA GLU A 178 14.66 -16.90 23.04
C GLU A 178 15.71 -16.07 22.30
N PHE A 179 15.24 -15.10 21.50
CA PHE A 179 16.14 -14.24 20.77
C PHE A 179 16.83 -13.30 21.72
N LEU A 180 16.16 -13.02 22.84
CA LEU A 180 16.71 -12.14 23.85
C LEU A 180 17.95 -12.72 24.51
N GLU A 181 18.04 -14.05 24.53
CA GLU A 181 19.17 -14.74 25.13
C GLU A 181 20.48 -14.29 24.52
N THR A 182 20.43 -13.85 23.26
CA THR A 182 21.64 -13.42 22.57
C THR A 182 21.55 -12.00 22.05
N LEU A 183 20.52 -11.29 22.44
CA LEU A 183 20.37 -9.90 22.01
C LEU A 183 21.37 -9.06 22.79
N PRO A 184 22.26 -8.34 22.08
CA PRO A 184 23.26 -7.50 22.75
C PRO A 184 22.65 -6.77 23.93
N VAL A 185 23.35 -6.77 25.06
CA VAL A 185 22.87 -6.08 26.25
C VAL A 185 22.24 -4.71 25.94
N ARG A 186 23.01 -3.79 25.40
CA ARG A 186 22.50 -2.45 25.08
C ARG A 186 21.16 -2.45 24.38
N GLU A 187 20.99 -3.39 23.44
CA GLU A 187 19.74 -3.49 22.67
C GLU A 187 18.55 -3.88 23.55
N PHE A 188 18.83 -4.68 24.57
CA PHE A 188 17.80 -5.12 25.50
C PHE A 188 17.38 -3.92 26.34
N ILE A 189 18.32 -3.34 27.06
CA ILE A 189 18.03 -2.17 27.87
C ILE A 189 17.20 -1.22 26.99
N ASN A 190 17.63 -1.07 25.75
CA ASN A 190 16.96 -0.19 24.79
C ASN A 190 15.48 -0.49 24.62
N GLY A 191 15.14 -1.76 24.47
CA GLY A 191 13.74 -2.12 24.30
C GLY A 191 12.90 -1.92 25.53
N MET A 192 13.52 -2.05 26.71
CA MET A 192 12.83 -1.89 27.99
C MET A 192 12.25 -0.49 28.19
N ALA A 193 12.64 0.44 27.33
CA ALA A 193 12.13 1.80 27.44
C ALA A 193 10.67 1.87 27.06
N GLU A 194 10.30 1.16 25.99
CA GLU A 194 8.92 1.14 25.53
C GLU A 194 8.08 0.31 26.49
N VAL A 195 8.68 -0.75 27.01
CA VAL A 195 8.00 -1.67 27.96
C VAL A 195 7.56 -0.89 29.19
N ILE A 196 8.48 -0.10 29.73
CA ILE A 196 8.21 0.71 30.90
C ILE A 196 7.22 1.80 30.53
N LYS A 197 7.36 2.32 29.32
CA LYS A 197 6.48 3.37 28.79
C LYS A 197 5.03 2.91 28.84
N THR A 198 4.80 1.73 28.28
CA THR A 198 3.49 1.12 28.23
C THR A 198 2.88 0.97 29.61
N ALA A 199 3.66 0.40 30.53
CA ALA A 199 3.23 0.16 31.91
C ALA A 199 2.83 1.46 32.60
N ALA A 200 3.71 2.45 32.53
CA ALA A 200 3.48 3.74 33.15
C ALA A 200 2.26 4.51 32.64
N ILE A 201 1.67 4.07 31.53
CA ILE A 201 0.51 4.76 30.96
C ILE A 201 -0.74 3.89 30.96
N SER A 202 -0.75 2.83 31.76
CA SER A 202 -1.91 1.94 31.77
C SER A 202 -2.14 1.11 33.04
N SER A 203 -1.07 0.72 33.74
CA SER A 203 -1.21 -0.11 34.93
C SER A 203 -0.14 0.10 36.00
N GLU A 204 -0.46 0.84 37.05
CA GLU A 204 0.50 1.09 38.11
C GLU A 204 0.98 -0.22 38.74
N GLU A 205 0.20 -1.29 38.59
CA GLU A 205 0.60 -2.56 39.16
C GLU A 205 1.68 -3.22 38.29
N GLU A 206 1.59 -3.01 36.98
CA GLU A 206 2.54 -3.58 36.03
C GLU A 206 3.87 -2.85 36.15
N PHE A 207 3.82 -1.55 36.43
CA PHE A 207 4.99 -0.71 36.61
C PHE A 207 5.68 -1.14 37.89
N THR A 208 4.88 -1.50 38.89
CA THR A 208 5.40 -1.96 40.17
C THR A 208 6.14 -3.28 40.00
N ALA A 209 5.63 -4.16 39.15
CA ALA A 209 6.25 -5.46 38.89
C ALA A 209 7.56 -5.24 38.14
N LEU A 210 7.63 -4.16 37.38
CA LEU A 210 8.85 -3.86 36.66
C LEU A 210 9.90 -3.41 37.66
N GLU A 211 9.49 -2.54 38.59
CA GLU A 211 10.42 -2.05 39.59
C GLU A 211 10.99 -3.20 40.37
N GLU A 212 10.14 -4.16 40.71
CA GLU A 212 10.55 -5.32 41.47
C GLU A 212 11.51 -6.23 40.71
N ASN A 213 11.12 -6.62 39.50
CA ASN A 213 11.94 -7.50 38.67
C ASN A 213 13.17 -6.89 38.00
N ALA A 214 13.32 -5.57 38.12
CA ALA A 214 14.45 -4.84 37.55
C ALA A 214 15.81 -5.49 37.79
N GLU A 215 16.20 -5.58 39.06
CA GLU A 215 17.48 -6.19 39.44
C GLU A 215 17.69 -7.56 38.82
N THR A 216 16.73 -8.44 39.08
CA THR A 216 16.77 -9.80 38.55
C THR A 216 16.98 -9.81 37.03
N ILE A 217 16.00 -9.27 36.31
CA ILE A 217 16.06 -9.23 34.87
C ILE A 217 17.39 -8.67 34.40
N LEU A 218 17.77 -7.53 34.93
CA LEU A 218 19.01 -6.91 34.52
C LEU A 218 20.22 -7.76 34.88
N LYS A 219 20.10 -8.54 35.95
CA LYS A 219 21.20 -9.41 36.37
C LYS A 219 21.37 -10.51 35.34
N ALA A 220 20.26 -11.09 34.89
CA ALA A 220 20.28 -12.15 33.89
C ALA A 220 20.88 -11.59 32.61
N VAL A 221 20.31 -10.47 32.17
CA VAL A 221 20.77 -9.82 30.94
C VAL A 221 22.28 -9.64 30.88
N ARG A 222 22.87 -9.28 32.02
CA ARG A 222 24.31 -9.03 32.10
C ARG A 222 25.16 -10.23 32.46
N ARG A 223 24.57 -11.23 33.09
CA ARG A 223 25.32 -12.41 33.53
C ARG A 223 26.05 -13.19 32.45
N GLU A 224 27.17 -13.80 32.85
CA GLU A 224 28.00 -14.62 31.99
C GLU A 224 27.34 -15.98 31.93
N VAL A 225 26.69 -16.28 30.81
CA VAL A 225 25.96 -17.54 30.67
C VAL A 225 26.81 -18.74 30.28
N THR A 226 26.82 -19.75 31.15
CA THR A 226 27.57 -20.96 30.91
C THR A 226 27.01 -21.67 29.69
N PRO A 227 27.88 -22.18 28.80
CA PRO A 227 27.40 -22.87 27.61
C PRO A 227 26.52 -24.07 28.00
N GLY A 228 25.32 -24.10 27.45
CA GLY A 228 24.39 -25.18 27.75
C GLY A 228 23.31 -24.74 28.70
N GLU A 229 23.42 -23.51 29.22
CA GLU A 229 22.45 -22.96 30.13
C GLU A 229 21.65 -21.85 29.43
N HIS A 230 20.41 -21.65 29.86
CA HIS A 230 19.52 -20.61 29.32
C HIS A 230 19.68 -19.26 30.03
N ARG A 231 20.08 -18.23 29.28
CA ARG A 231 20.30 -16.90 29.84
C ARG A 231 19.35 -16.56 30.99
N PHE A 232 18.06 -16.78 30.77
CA PHE A 232 17.03 -16.45 31.74
C PHE A 232 16.47 -17.61 32.53
N GLU A 233 17.33 -18.42 33.12
CA GLU A 233 16.89 -19.57 33.91
C GLU A 233 16.31 -19.10 35.24
N GLY A 234 15.12 -19.56 35.58
CA GLY A 234 14.54 -19.16 36.85
C GLY A 234 13.63 -17.95 36.77
N THR A 235 13.81 -17.11 35.76
CA THR A 235 12.98 -15.93 35.58
C THR A 235 12.20 -15.97 34.27
N GLU A 236 12.20 -17.14 33.62
CA GLU A 236 11.50 -17.29 32.36
C GLU A 236 10.10 -16.68 32.42
N GLU A 237 9.32 -17.08 33.42
CA GLU A 237 7.97 -16.57 33.59
C GLU A 237 7.92 -15.08 33.91
N ILE A 238 8.85 -14.59 34.72
CA ILE A 238 8.90 -13.19 35.06
C ILE A 238 9.11 -12.39 33.79
N LEU A 239 10.19 -12.70 33.10
CA LEU A 239 10.52 -12.03 31.86
C LEU A 239 9.32 -12.06 30.93
N LYS A 240 8.80 -13.26 30.67
CA LYS A 240 7.65 -13.43 29.79
C LYS A 240 6.51 -12.48 30.16
N ALA A 241 6.13 -12.50 31.43
CA ALA A 241 5.07 -11.63 31.92
C ALA A 241 5.30 -10.16 31.59
N ARG A 242 6.41 -9.61 32.08
CA ARG A 242 6.75 -8.20 31.89
C ARG A 242 6.82 -7.75 30.45
N ILE A 243 7.28 -8.64 29.56
CA ILE A 243 7.41 -8.31 28.14
C ILE A 243 6.07 -8.38 27.41
N LEU A 244 5.42 -9.53 27.48
CA LEU A 244 4.13 -9.72 26.82
C LEU A 244 3.11 -8.72 27.35
N ALA A 245 3.32 -8.21 28.55
CA ALA A 245 2.38 -7.24 29.09
C ALA A 245 2.43 -5.97 28.24
N SER A 246 3.63 -5.58 27.82
CA SER A 246 3.75 -4.38 27.01
C SER A 246 3.14 -4.62 25.62
N ALA A 247 3.57 -5.70 24.98
CA ALA A 247 3.07 -6.04 23.65
C ALA A 247 1.56 -6.20 23.65
N ARG A 248 1.03 -6.74 24.74
CA ARG A 248 -0.41 -6.95 24.86
C ARG A 248 -1.14 -5.61 24.83
N HIS A 249 -0.56 -4.60 25.49
CA HIS A 249 -1.15 -3.27 25.52
C HIS A 249 -1.06 -2.63 24.14
N LYS A 250 0.09 -2.80 23.49
CA LYS A 250 0.28 -2.23 22.16
C LYS A 250 -0.82 -2.78 21.27
N ALA A 251 -1.04 -4.09 21.38
CA ALA A 251 -2.05 -4.80 20.62
C ALA A 251 -3.45 -4.28 20.90
N TYR A 252 -3.74 -3.96 22.15
CA TYR A 252 -5.05 -3.47 22.55
C TYR A 252 -5.33 -2.08 21.97
N VAL A 253 -4.28 -1.27 21.88
CA VAL A 253 -4.38 0.08 21.34
C VAL A 253 -4.61 0.04 19.84
N VAL A 254 -3.97 -0.92 19.19
CA VAL A 254 -4.08 -1.10 17.75
C VAL A 254 -5.49 -1.52 17.40
N SER A 255 -6.08 -2.37 18.22
CA SER A 255 -7.43 -2.86 17.96
C SER A 255 -8.48 -1.77 18.13
N ALA A 256 -8.12 -0.70 18.82
CA ALA A 256 -9.05 0.40 19.03
C ALA A 256 -8.94 1.43 17.91
N GLY A 261 -8.74 8.29 18.46
CA GLY A 261 -7.29 8.28 18.53
C GLY A 261 -6.81 8.60 19.93
N GLY A 262 -7.60 8.21 20.93
CA GLY A 262 -7.23 8.48 22.29
C GLY A 262 -6.03 7.66 22.75
N LEU A 263 -6.26 6.38 23.00
CA LEU A 263 -5.22 5.46 23.45
C LEU A 263 -3.94 5.50 22.65
N ARG A 264 -4.05 5.31 21.34
CA ARG A 264 -2.88 5.32 20.48
C ARG A 264 -1.97 6.52 20.78
N ASN A 265 -2.58 7.68 21.04
CA ASN A 265 -1.85 8.91 21.33
C ASN A 265 -1.03 8.77 22.60
N LEU A 266 -1.55 8.00 23.53
CA LEU A 266 -0.87 7.77 24.80
C LEU A 266 0.42 6.97 24.60
N LEU A 267 0.54 6.31 23.45
CA LEU A 267 1.72 5.51 23.11
C LEU A 267 2.88 6.39 22.66
N ASN A 268 2.69 7.70 22.73
CA ASN A 268 3.71 8.64 22.35
C ASN A 268 4.19 9.37 23.58
N TRP A 269 3.91 8.83 24.76
CA TRP A 269 4.36 9.45 25.97
C TRP A 269 5.88 9.36 25.94
N GLY A 270 6.57 10.46 26.24
CA GLY A 270 8.01 10.44 26.23
C GLY A 270 8.62 10.68 24.86
N HIS A 271 7.83 10.44 23.81
CA HIS A 271 8.27 10.60 22.43
C HIS A 271 8.24 12.04 21.91
N SER A 272 7.40 12.87 22.52
CA SER A 272 7.32 14.25 22.09
C SER A 272 8.70 14.86 22.22
N ILE A 273 9.25 14.79 23.43
CA ILE A 273 10.56 15.32 23.70
C ILE A 273 11.59 14.29 23.26
N GLY A 274 11.23 13.02 23.40
CA GLY A 274 12.13 11.95 23.02
C GLY A 274 12.59 12.07 21.58
N HIS A 275 11.64 12.27 20.67
CA HIS A 275 11.97 12.41 19.27
C HIS A 275 12.86 13.61 19.01
N ALA A 276 12.60 14.71 19.73
CA ALA A 276 13.39 15.92 19.61
C ALA A 276 14.84 15.63 19.99
N ILE A 277 15.02 14.84 21.06
CA ILE A 277 16.35 14.47 21.53
C ILE A 277 16.99 13.59 20.46
N GLU A 278 16.27 12.54 20.08
CA GLU A 278 16.77 11.58 19.10
C GLU A 278 17.18 12.18 17.77
N ALA A 279 16.40 13.14 17.28
CA ALA A 279 16.75 13.75 16.02
C ALA A 279 18.15 14.37 16.10
N ILE A 280 18.57 14.72 17.31
CA ILE A 280 19.88 15.32 17.53
C ILE A 280 20.98 14.29 17.82
N LEU A 281 20.73 13.37 18.74
CA LEU A 281 21.72 12.36 19.15
C LEU A 281 21.87 11.10 18.31
N THR A 282 20.89 10.81 17.45
CA THR A 282 20.96 9.62 16.61
C THR A 282 22.12 9.89 15.64
N PRO A 283 22.80 8.84 15.15
CA PRO A 283 22.58 7.42 15.44
C PRO A 283 23.46 6.92 16.56
N GLN A 284 24.12 7.84 17.25
CA GLN A 284 24.99 7.46 18.36
C GLN A 284 24.14 6.96 19.52
N ILE A 285 23.00 7.62 19.73
CA ILE A 285 22.07 7.24 20.80
C ILE A 285 20.81 6.63 20.19
N LEU A 286 20.39 5.50 20.74
CA LEU A 286 19.23 4.76 20.25
C LEU A 286 17.87 5.32 20.64
N HIS A 287 16.84 4.90 19.93
CA HIS A 287 15.46 5.34 20.18
C HIS A 287 15.05 5.17 21.65
N GLY A 288 15.13 3.94 22.15
CA GLY A 288 14.75 3.69 23.54
C GLY A 288 15.48 4.56 24.54
N GLU A 289 16.76 4.78 24.30
CA GLU A 289 17.56 5.60 25.18
C GLU A 289 17.03 7.03 25.19
N CYS A 290 16.74 7.59 24.01
CA CYS A 290 16.22 8.95 23.92
C CYS A 290 14.83 9.03 24.57
N VAL A 291 13.97 8.08 24.22
CA VAL A 291 12.62 8.05 24.77
C VAL A 291 12.64 7.91 26.30
N ALA A 292 13.70 7.32 26.86
CA ALA A 292 13.84 7.20 28.31
C ALA A 292 14.00 8.61 28.88
N ILE A 293 14.94 9.37 28.35
CA ILE A 293 15.15 10.75 28.77
C ILE A 293 13.87 11.54 28.50
N GLY A 294 13.22 11.23 27.38
CA GLY A 294 11.99 11.90 26.99
C GLY A 294 10.86 11.74 28.00
N MET A 295 10.69 10.53 28.50
CA MET A 295 9.66 10.24 29.49
C MET A 295 9.95 11.03 30.76
N VAL A 296 11.23 11.08 31.13
CA VAL A 296 11.67 11.80 32.32
C VAL A 296 11.25 13.26 32.25
N LYS A 297 11.68 13.93 31.17
CA LYS A 297 11.34 15.34 30.93
C LYS A 297 9.82 15.56 30.92
N GLU A 298 9.11 14.76 30.13
CA GLU A 298 7.66 14.88 30.03
C GLU A 298 6.95 14.61 31.36
N ALA A 299 7.65 13.92 32.27
CA ALA A 299 7.08 13.61 33.57
C ALA A 299 7.30 14.82 34.48
N GLU A 300 8.40 15.52 34.23
CA GLU A 300 8.75 16.71 35.00
C GLU A 300 7.79 17.83 34.61
N LEU A 301 7.42 17.86 33.33
CA LEU A 301 6.49 18.87 32.86
C LEU A 301 5.13 18.71 33.55
N ALA A 302 4.65 17.47 33.66
CA ALA A 302 3.37 17.25 34.31
C ALA A 302 3.47 17.72 35.75
N ARG A 303 4.65 17.56 36.36
CA ARG A 303 4.87 17.98 37.73
C ARG A 303 4.89 19.50 37.78
N HIS A 304 5.43 20.10 36.72
CA HIS A 304 5.53 21.56 36.59
C HIS A 304 4.15 22.20 36.47
N LEU A 305 3.25 21.52 35.79
CA LEU A 305 1.90 22.04 35.61
C LEU A 305 1.05 21.66 36.81
N GLY A 306 1.67 21.00 37.78
CA GLY A 306 0.94 20.60 38.97
C GLY A 306 0.08 19.39 38.74
N ILE A 307 0.23 18.75 37.59
CA ILE A 307 -0.53 17.56 37.24
C ILE A 307 0.01 16.30 37.92
N LEU A 308 1.33 16.11 37.82
CA LEU A 308 1.97 14.93 38.40
C LEU A 308 2.68 15.25 39.71
N LYS A 309 2.67 14.29 40.62
CA LYS A 309 3.30 14.46 41.93
C LYS A 309 4.78 14.02 41.85
N GLY A 310 5.64 14.71 42.58
CA GLY A 310 7.07 14.41 42.58
C GLY A 310 7.44 12.96 42.78
N VAL A 311 6.90 12.31 43.82
CA VAL A 311 7.21 10.92 44.12
C VAL A 311 7.05 10.02 42.90
N ALA A 312 6.09 10.38 42.05
CA ALA A 312 5.82 9.61 40.83
C ALA A 312 6.98 9.85 39.88
N VAL A 313 7.37 11.12 39.73
CA VAL A 313 8.48 11.48 38.87
C VAL A 313 9.74 10.73 39.29
N SER A 314 9.93 10.54 40.60
CA SER A 314 11.09 9.83 41.13
C SER A 314 11.12 8.37 40.69
N ARG A 315 9.97 7.71 40.78
CA ARG A 315 9.82 6.30 40.40
C ARG A 315 10.12 6.09 38.92
N ILE A 316 9.66 7.02 38.09
CA ILE A 316 9.91 6.94 36.64
C ILE A 316 11.43 6.90 36.45
N VAL A 317 12.09 7.87 37.05
CA VAL A 317 13.54 7.99 36.97
C VAL A 317 14.28 6.82 37.57
N LYS A 318 13.89 6.40 38.77
CA LYS A 318 14.54 5.28 39.43
C LYS A 318 14.35 4.00 38.62
N CYS A 319 13.11 3.76 38.19
CA CYS A 319 12.80 2.56 37.42
C CYS A 319 13.57 2.51 36.10
N LEU A 320 13.56 3.61 35.38
CA LEU A 320 14.30 3.66 34.12
C LEU A 320 15.78 3.33 34.33
N ALA A 321 16.37 3.93 35.38
CA ALA A 321 17.78 3.70 35.68
C ALA A 321 18.03 2.27 36.13
N ALA A 322 17.09 1.71 36.87
CA ALA A 322 17.22 0.34 37.37
C ALA A 322 17.35 -0.65 36.22
N TYR A 323 16.95 -0.21 35.04
CA TYR A 323 17.02 -1.05 33.84
C TYR A 323 18.13 -0.57 32.91
N GLY A 324 19.13 0.11 33.47
CA GLY A 324 20.24 0.59 32.66
C GLY A 324 19.93 1.72 31.69
N LEU A 325 18.74 2.32 31.76
CA LEU A 325 18.44 3.41 30.84
C LEU A 325 18.88 4.77 31.38
N PRO A 326 19.30 5.67 30.47
CA PRO A 326 19.74 7.00 30.88
C PRO A 326 18.54 7.83 31.31
N THR A 327 18.78 8.83 32.16
CA THR A 327 17.68 9.68 32.62
C THR A 327 17.97 11.17 32.44
N SER A 328 19.14 11.50 31.90
CA SER A 328 19.50 12.90 31.65
C SER A 328 20.58 13.01 30.60
N LEU A 329 20.52 14.08 29.82
CA LEU A 329 21.50 14.30 28.77
C LEU A 329 22.91 14.44 29.35
N LYS A 330 22.98 14.51 30.68
CA LYS A 330 24.27 14.62 31.36
C LYS A 330 24.86 13.22 31.50
N ASP A 331 24.03 12.20 31.28
CA ASP A 331 24.47 10.82 31.41
C ASP A 331 25.80 10.67 30.69
N ALA A 332 26.79 10.15 31.42
CA ALA A 332 28.13 9.95 30.93
C ALA A 332 28.18 9.19 29.61
N ARG A 333 27.69 7.94 29.65
CA ARG A 333 27.66 7.06 28.47
C ARG A 333 27.28 7.86 27.23
N ILE A 334 26.18 8.59 27.34
CA ILE A 334 25.69 9.42 26.25
C ILE A 334 26.83 10.36 25.86
N ARG A 335 27.22 11.19 26.83
CA ARG A 335 28.30 12.15 26.65
C ARG A 335 29.45 11.58 25.84
N LYS A 336 29.99 10.46 26.30
CA LYS A 336 31.10 9.82 25.63
C LYS A 336 30.76 9.41 24.20
N LEU A 337 29.59 8.78 24.00
CA LEU A 337 29.18 8.31 22.69
C LEU A 337 28.95 9.39 21.65
N THR A 338 28.49 10.56 22.09
CA THR A 338 28.21 11.67 21.19
C THR A 338 29.34 12.70 21.12
N ALA A 339 30.40 12.48 21.89
CA ALA A 339 31.56 13.37 21.89
C ALA A 339 31.28 14.79 22.35
N GLY A 340 30.19 14.99 23.08
CA GLY A 340 29.86 16.32 23.56
C GLY A 340 28.74 16.98 22.78
N LYS A 341 28.02 16.17 22.00
CA LYS A 341 26.89 16.63 21.22
C LYS A 341 25.90 17.26 22.19
N HIS A 342 25.62 18.56 22.03
CA HIS A 342 24.72 19.23 22.96
C HIS A 342 23.39 19.68 22.36
N CYS A 343 22.31 19.20 22.97
CA CYS A 343 20.95 19.53 22.56
C CYS A 343 20.51 20.81 23.23
N SER A 344 20.34 21.88 22.44
CA SER A 344 19.92 23.13 23.02
C SER A 344 18.41 23.16 23.13
N VAL A 345 17.94 24.03 24.02
CA VAL A 345 16.52 24.22 24.24
C VAL A 345 15.88 24.75 22.97
N ASP A 346 16.69 25.44 22.17
CA ASP A 346 16.20 26.00 20.91
C ASP A 346 16.07 24.90 19.85
N GLN A 347 17.09 24.07 19.74
CA GLN A 347 17.09 22.98 18.77
C GLN A 347 15.99 22.00 19.16
N LEU A 348 15.95 21.66 20.44
CA LEU A 348 14.94 20.75 20.94
C LEU A 348 13.54 21.28 20.62
N MET A 349 13.29 22.55 20.95
CA MET A 349 11.98 23.15 20.67
C MET A 349 11.71 23.21 19.17
N PHE A 350 12.77 23.32 18.39
CA PHE A 350 12.64 23.39 16.93
C PHE A 350 12.23 22.04 16.37
N ASN A 351 12.92 20.98 16.82
CA ASN A 351 12.65 19.62 16.36
C ASN A 351 11.29 19.09 16.81
N MET A 352 10.71 19.71 17.83
CA MET A 352 9.41 19.29 18.34
C MET A 352 8.31 19.83 17.44
N ALA A 353 8.48 21.06 16.99
CA ALA A 353 7.51 21.71 16.12
C ALA A 353 7.70 21.24 14.68
N LEU A 354 8.79 20.50 14.45
CA LEU A 354 9.10 19.97 13.12
C LEU A 354 8.08 18.89 12.82
N ASP A 355 7.43 18.42 13.89
CA ASP A 355 6.41 17.40 13.80
C ASP A 355 5.07 18.14 13.73
N GLY A 360 3.76 24.33 15.98
CA GLY A 360 3.20 25.68 15.99
C GLY A 360 3.35 26.38 17.33
N PRO A 361 2.40 27.28 17.69
CA PRO A 361 2.42 28.03 18.96
C PRO A 361 2.34 27.16 20.20
N LYS A 362 1.73 25.99 20.07
CA LYS A 362 1.58 25.05 21.20
C LYS A 362 2.24 23.71 20.90
N LYS A 363 2.19 22.79 21.87
CA LYS A 363 2.78 21.46 21.71
C LYS A 363 1.91 20.42 22.42
N LYS A 364 1.62 19.31 21.73
CA LYS A 364 0.79 18.23 22.30
C LYS A 364 1.67 17.19 22.99
N ILE A 365 1.72 17.28 24.31
CA ILE A 365 2.53 16.40 25.13
C ILE A 365 1.64 15.45 25.93
N VAL A 366 1.99 14.16 25.96
CA VAL A 366 1.20 13.22 26.74
C VAL A 366 1.53 13.47 28.20
N LEU A 367 0.50 13.78 29.00
CA LEU A 367 0.68 14.08 30.40
C LEU A 367 0.13 13.02 31.35
N LEU A 368 0.87 12.73 32.42
CA LEU A 368 0.41 11.76 33.41
C LEU A 368 0.10 12.46 34.72
N SER A 369 -0.97 12.01 35.37
CA SER A 369 -1.40 12.60 36.63
C SER A 369 -0.95 11.68 37.75
N ALA A 370 -0.59 10.46 37.37
CA ALA A 370 -0.13 9.47 38.32
C ALA A 370 0.38 8.27 37.53
N ILE A 371 1.35 7.55 38.09
CA ILE A 371 1.88 6.39 37.39
C ILE A 371 0.76 5.42 37.04
N GLY A 372 0.60 5.18 35.75
CA GLY A 372 -0.45 4.27 35.29
C GLY A 372 -1.77 4.97 35.05
N THR A 373 -1.78 6.30 35.20
CA THR A 373 -3.01 7.07 35.01
C THR A 373 -2.74 8.37 34.26
N PRO A 374 -3.11 8.41 32.97
CA PRO A 374 -2.95 9.57 32.08
C PRO A 374 -3.82 10.75 32.55
N TYR A 375 -3.43 11.97 32.21
CA TYR A 375 -4.20 13.16 32.59
C TYR A 375 -5.51 13.18 31.81
N GLU A 376 -5.39 13.18 30.49
CA GLU A 376 -6.54 13.15 29.60
C GLU A 376 -6.39 11.86 28.83
N THR A 377 -7.47 11.39 28.22
CA THR A 377 -7.41 10.15 27.45
C THR A 377 -6.86 10.46 26.06
N ARG A 378 -6.10 11.54 25.97
CA ARG A 378 -5.48 12.00 24.74
C ARG A 378 -4.25 12.79 25.13
N ALA A 379 -3.53 13.28 24.12
CA ALA A 379 -2.34 14.08 24.40
C ALA A 379 -2.89 15.46 24.77
N SER A 380 -2.28 16.08 25.78
CA SER A 380 -2.72 17.39 26.23
C SER A 380 -2.03 18.48 25.45
N VAL A 381 -2.54 19.71 25.58
CA VAL A 381 -1.94 20.86 24.91
C VAL A 381 -1.16 21.65 25.95
N VAL A 382 0.11 21.92 25.68
CA VAL A 382 0.95 22.64 26.64
C VAL A 382 1.71 23.81 26.02
N ALA A 383 1.73 24.93 26.72
CA ALA A 383 2.41 26.15 26.27
C ALA A 383 3.91 25.93 26.05
N ASN A 384 4.48 26.61 25.04
CA ASN A 384 5.91 26.49 24.75
C ASN A 384 6.80 26.91 25.91
N GLU A 385 6.51 28.07 26.49
CA GLU A 385 7.31 28.57 27.60
C GLU A 385 7.37 27.54 28.74
N ASP A 386 6.26 26.85 28.99
CA ASP A 386 6.21 25.83 30.04
C ASP A 386 7.09 24.65 29.66
N ILE A 387 7.17 24.36 28.36
CA ILE A 387 7.97 23.24 27.88
C ILE A 387 9.45 23.58 27.86
N ARG A 388 9.74 24.85 27.59
CA ARG A 388 11.12 25.30 27.55
C ARG A 388 11.74 25.26 28.94
N VAL A 389 10.93 24.93 29.94
CA VAL A 389 11.43 24.87 31.32
C VAL A 389 11.98 23.51 31.70
N VAL A 390 11.55 22.46 30.99
CA VAL A 390 12.04 21.11 31.29
C VAL A 390 13.10 20.63 30.30
N LEU A 391 13.72 21.57 29.58
CA LEU A 391 14.77 21.21 28.63
C LEU A 391 16.10 21.82 29.08
N ALA A 392 17.06 20.94 29.43
CA ALA A 392 18.38 21.36 29.88
C ALA A 392 19.24 20.18 30.37
N PRO B 4 -24.99 17.11 -12.47
CA PRO B 4 -24.03 16.01 -12.75
C PRO B 4 -24.56 14.66 -12.28
N THR B 5 -24.33 13.62 -13.08
CA THR B 5 -24.80 12.30 -12.73
C THR B 5 -23.79 11.75 -11.74
N LYS B 6 -24.26 10.98 -10.77
CA LYS B 6 -23.37 10.41 -9.75
C LYS B 6 -23.62 8.93 -9.49
N ILE B 7 -22.55 8.16 -9.53
CA ILE B 7 -22.58 6.72 -9.31
C ILE B 7 -21.84 6.33 -8.05
N SER B 8 -22.45 5.45 -7.26
CA SER B 8 -21.85 4.97 -6.03
C SER B 8 -20.96 3.78 -6.27
N ILE B 9 -19.78 3.82 -5.68
CA ILE B 9 -18.81 2.74 -5.77
C ILE B 9 -18.34 2.41 -4.37
N LEU B 10 -18.68 1.22 -3.89
CA LEU B 10 -18.28 0.81 -2.56
C LEU B 10 -18.92 1.74 -1.53
N GLY B 11 -20.20 1.52 -1.27
CA GLY B 11 -20.89 2.35 -0.29
C GLY B 11 -21.06 3.79 -0.73
N ARG B 12 -20.00 4.57 -0.63
CA ARG B 12 -20.04 5.99 -1.02
C ARG B 12 -20.13 6.19 -2.53
N GLU B 13 -20.41 7.42 -2.95
CA GLU B 13 -20.51 7.76 -4.36
C GLU B 13 -19.44 8.75 -4.78
N SER B 14 -18.36 8.23 -5.38
CA SER B 14 -17.26 9.08 -5.81
C SER B 14 -17.17 9.35 -7.32
N ILE B 15 -18.00 8.67 -8.12
CA ILE B 15 -17.98 8.89 -9.57
C ILE B 15 -18.93 10.03 -9.94
N ILE B 16 -18.38 11.08 -10.54
CA ILE B 16 -19.16 12.25 -10.96
C ILE B 16 -18.92 12.44 -12.45
N ALA B 17 -19.95 12.19 -13.26
CA ALA B 17 -19.84 12.29 -14.71
C ALA B 17 -20.71 13.37 -15.36
N ASP B 18 -20.08 14.17 -16.21
CA ASP B 18 -20.79 15.22 -16.93
C ASP B 18 -19.85 15.98 -17.83
N PHE B 19 -20.41 16.77 -18.73
CA PHE B 19 -19.61 17.57 -19.66
C PHE B 19 -19.12 18.88 -19.05
N GLY B 20 -17.81 19.10 -19.04
CA GLY B 20 -17.27 20.34 -18.51
C GLY B 20 -16.88 20.37 -17.04
N LEU B 21 -16.81 19.22 -16.40
CA LEU B 21 -16.44 19.15 -15.00
C LEU B 21 -15.08 19.80 -14.73
N TRP B 22 -14.12 19.52 -15.59
CA TRP B 22 -12.77 20.05 -15.46
C TRP B 22 -12.68 21.55 -15.38
N ARG B 23 -13.61 22.22 -16.03
CA ARG B 23 -13.62 23.66 -16.07
C ARG B 23 -14.49 24.33 -15.01
N ASN B 24 -15.70 23.84 -14.79
CA ASN B 24 -16.62 24.46 -13.83
C ASN B 24 -16.94 23.71 -12.53
N TYR B 25 -16.38 22.53 -12.31
CA TYR B 25 -16.76 21.77 -11.11
C TYR B 25 -15.66 21.16 -10.27
N VAL B 26 -14.64 20.61 -10.93
CA VAL B 26 -13.55 19.94 -10.22
C VAL B 26 -12.87 20.81 -9.15
N ALA B 27 -12.22 21.89 -9.56
CA ALA B 27 -11.54 22.78 -8.62
C ALA B 27 -12.38 23.10 -7.41
N LYS B 28 -13.60 23.55 -7.64
CA LYS B 28 -14.54 23.89 -6.57
C LYS B 28 -14.86 22.67 -5.67
N ASP B 29 -15.25 21.56 -6.29
CA ASP B 29 -15.59 20.35 -5.52
C ASP B 29 -14.44 19.87 -4.63
N LEU B 30 -13.22 19.87 -5.15
CA LEU B 30 -12.08 19.42 -4.37
C LEU B 30 -12.03 20.16 -3.05
N ILE B 31 -12.05 21.48 -3.13
CA ILE B 31 -12.01 22.32 -1.93
C ILE B 31 -13.13 22.01 -0.94
N SER B 32 -14.37 21.96 -1.41
CA SER B 32 -15.48 21.70 -0.51
C SER B 32 -15.62 20.27 0.01
N ASP B 33 -15.27 19.27 -0.79
CA ASP B 33 -15.40 17.88 -0.34
C ASP B 33 -14.09 17.22 0.03
N CYS B 34 -12.99 17.79 -0.43
CA CYS B 34 -11.68 17.25 -0.12
C CYS B 34 -10.79 18.32 0.50
N SER B 35 -11.33 18.95 1.55
CA SER B 35 -10.63 20.02 2.26
C SER B 35 -9.14 19.66 2.40
N SER B 36 -8.28 20.64 2.17
CA SER B 36 -6.83 20.45 2.26
C SER B 36 -6.07 21.75 2.00
N THR B 37 -4.81 21.77 2.37
CA THR B 37 -3.96 22.94 2.18
C THR B 37 -3.07 22.73 0.96
N THR B 38 -2.94 21.47 0.57
CA THR B 38 -2.11 21.11 -0.58
C THR B 38 -2.85 20.19 -1.54
N TYR B 39 -2.84 20.57 -2.82
CA TYR B 39 -3.47 19.79 -3.89
C TYR B 39 -2.41 19.56 -4.96
N VAL B 40 -1.96 18.31 -5.08
CA VAL B 40 -0.93 17.97 -6.06
C VAL B 40 -1.53 17.39 -7.33
N LEU B 41 -1.26 18.03 -8.46
CA LEU B 41 -1.76 17.60 -9.77
C LEU B 41 -0.68 16.89 -10.55
N VAL B 42 -0.98 15.69 -11.03
CA VAL B 42 -0.02 14.94 -11.82
C VAL B 42 -0.61 14.69 -13.22
N THR B 43 0.25 14.79 -14.24
CA THR B 43 -0.14 14.62 -15.65
C THR B 43 1.13 14.56 -16.48
N ASP B 44 1.00 14.30 -17.78
CA ASP B 44 2.17 14.29 -18.64
C ASP B 44 2.18 15.63 -19.35
N THR B 45 3.36 16.05 -19.80
CA THR B 45 3.52 17.34 -20.46
C THR B 45 2.43 17.68 -21.48
N ASN B 46 2.12 16.76 -22.38
CA ASN B 46 1.11 16.99 -23.42
C ASN B 46 -0.26 17.30 -22.81
N ILE B 47 -0.80 16.34 -22.09
CA ILE B 47 -2.11 16.49 -21.47
C ILE B 47 -2.16 17.74 -20.61
N GLY B 48 -1.05 18.07 -19.98
CA GLY B 48 -1.01 19.24 -19.11
C GLY B 48 -0.91 20.58 -19.83
N SER B 49 -0.21 20.59 -20.96
CA SER B 49 -0.07 21.84 -21.71
C SER B 49 -1.40 22.26 -22.29
N ILE B 50 -2.34 21.33 -22.35
CA ILE B 50 -3.66 21.62 -22.90
C ILE B 50 -4.70 21.96 -21.85
N TYR B 51 -4.81 21.12 -20.82
CA TYR B 51 -5.83 21.34 -19.79
C TYR B 51 -5.39 21.97 -18.47
N THR B 52 -4.14 21.77 -18.09
CA THR B 52 -3.64 22.33 -16.83
C THR B 52 -3.94 23.83 -16.73
N PRO B 53 -3.56 24.62 -17.76
CA PRO B 53 -3.77 26.06 -17.78
C PRO B 53 -5.15 26.52 -17.29
N SER B 54 -6.20 26.05 -17.95
CA SER B 54 -7.56 26.43 -17.58
C SER B 54 -7.91 26.04 -16.16
N PHE B 55 -7.20 25.05 -15.63
CA PHE B 55 -7.48 24.61 -14.27
C PHE B 55 -6.84 25.51 -13.24
N GLU B 56 -5.57 25.84 -13.44
CA GLU B 56 -4.87 26.71 -12.49
C GLU B 56 -5.78 27.89 -12.19
N GLU B 57 -6.39 28.42 -13.24
CA GLU B 57 -7.29 29.56 -13.09
C GLU B 57 -8.54 29.17 -12.29
N ALA B 58 -9.19 28.09 -12.72
CA ALA B 58 -10.39 27.63 -12.02
C ALA B 58 -10.09 27.36 -10.56
N PHE B 59 -8.81 27.16 -10.25
CA PHE B 59 -8.39 26.87 -8.90
C PHE B 59 -8.34 28.08 -7.97
N ARG B 60 -7.49 29.06 -8.30
CA ARG B 60 -7.37 30.25 -7.45
C ARG B 60 -8.73 30.89 -7.26
N LYS B 61 -9.52 30.89 -8.32
CA LYS B 61 -10.86 31.44 -8.32
C LYS B 61 -11.58 30.93 -7.08
N ARG B 62 -11.87 29.64 -7.08
CA ARG B 62 -12.56 28.98 -5.97
C ARG B 62 -11.70 28.71 -4.73
N ALA B 63 -10.40 28.89 -4.86
CA ALA B 63 -9.49 28.67 -3.73
C ALA B 63 -9.30 29.96 -2.95
N ALA B 64 -9.56 31.09 -3.61
CA ALA B 64 -9.43 32.39 -2.97
C ALA B 64 -10.58 32.67 -2.01
N GLU B 65 -11.66 31.91 -2.17
CA GLU B 65 -12.87 32.03 -1.34
C GLU B 65 -12.76 31.27 -0.02
N ILE B 66 -11.59 30.70 0.23
CA ILE B 66 -11.33 29.94 1.44
C ILE B 66 -10.06 30.45 2.09
N THR B 67 -10.06 30.51 3.42
CA THR B 67 -8.90 30.95 4.15
C THR B 67 -8.59 29.96 5.27
N PRO B 68 -7.34 29.52 5.36
CA PRO B 68 -6.28 29.95 4.44
C PRO B 68 -6.49 29.30 3.08
N SER B 69 -6.29 30.07 2.01
CA SER B 69 -6.46 29.52 0.67
C SER B 69 -5.43 28.42 0.38
N PRO B 70 -5.91 27.20 0.01
CA PRO B 70 -5.05 26.06 -0.29
C PRO B 70 -4.17 26.28 -1.52
N ARG B 71 -3.02 25.60 -1.55
CA ARG B 71 -2.09 25.76 -2.68
C ARG B 71 -2.25 24.66 -3.72
N LEU B 72 -1.66 24.90 -4.89
CA LEU B 72 -1.69 23.93 -5.98
C LEU B 72 -0.28 23.73 -6.49
N LEU B 73 0.24 22.52 -6.34
CA LEU B 73 1.57 22.20 -6.81
C LEU B 73 1.31 21.31 -8.00
N ILE B 74 2.05 21.54 -9.09
CA ILE B 74 1.87 20.79 -10.33
C ILE B 74 3.11 20.01 -10.75
N TYR B 75 2.90 18.78 -11.21
CA TYR B 75 4.00 17.94 -11.68
C TYR B 75 3.66 17.35 -13.03
N ASN B 76 4.54 17.57 -14.03
CA ASN B 76 4.34 17.06 -15.38
C ASN B 76 5.38 16.01 -15.71
N ARG B 77 4.94 14.76 -15.77
CA ARG B 77 5.82 13.65 -16.07
C ARG B 77 5.83 13.42 -17.57
N PRO B 78 6.96 12.93 -18.10
CA PRO B 78 7.06 12.67 -19.55
C PRO B 78 5.97 11.72 -20.05
N PRO B 79 5.39 11.99 -21.23
CA PRO B 79 4.34 11.13 -21.77
C PRO B 79 4.80 9.70 -22.01
N GLY B 80 3.86 8.85 -22.38
CA GLY B 80 4.18 7.47 -22.64
C GLY B 80 4.08 6.65 -21.37
N GLU B 81 4.01 5.32 -21.52
CA GLU B 81 3.92 4.43 -20.37
C GLU B 81 5.31 4.33 -19.76
N VAL B 82 6.18 5.23 -20.19
CA VAL B 82 7.55 5.27 -19.70
C VAL B 82 7.52 5.80 -18.27
N SER B 83 6.82 6.92 -18.05
CA SER B 83 6.71 7.54 -16.74
C SER B 83 6.04 6.63 -15.70
N LYS B 84 5.62 5.44 -16.10
CA LYS B 84 4.97 4.51 -15.18
C LYS B 84 6.01 3.52 -14.62
N SER B 85 7.01 4.04 -13.92
CA SER B 85 8.09 3.21 -13.38
C SER B 85 8.44 3.51 -11.92
N ARG B 86 9.31 2.67 -11.36
CA ARG B 86 9.75 2.83 -9.98
C ARG B 86 10.39 4.21 -9.86
N GLN B 87 11.24 4.52 -10.83
CA GLN B 87 11.98 5.77 -10.88
C GLN B 87 11.13 7.03 -10.90
N THR B 88 10.08 7.05 -11.73
CA THR B 88 9.21 8.22 -11.82
C THR B 88 8.40 8.38 -10.55
N LYS B 89 7.99 7.26 -9.97
CA LYS B 89 7.25 7.24 -8.73
C LYS B 89 8.14 7.90 -7.67
N ALA B 90 9.41 7.51 -7.65
CA ALA B 90 10.36 8.05 -6.68
C ALA B 90 10.48 9.56 -6.83
N ASP B 91 10.69 10.02 -8.06
CA ASP B 91 10.82 11.44 -8.35
C ASP B 91 9.64 12.24 -7.83
N ILE B 92 8.44 11.83 -8.23
CA ILE B 92 7.21 12.52 -7.82
C ILE B 92 7.13 12.58 -6.29
N GLU B 93 7.66 11.55 -5.63
CA GLU B 93 7.62 11.50 -4.19
C GLU B 93 8.60 12.52 -3.63
N ASP B 94 9.88 12.39 -3.98
CA ASP B 94 10.92 13.31 -3.54
C ASP B 94 10.55 14.74 -3.88
N TRP B 95 9.81 14.91 -4.97
CA TRP B 95 9.37 16.23 -5.41
C TRP B 95 8.32 16.73 -4.45
N MET B 96 7.50 15.83 -3.94
CA MET B 96 6.45 16.22 -3.00
C MET B 96 7.06 16.37 -1.62
N LEU B 97 8.18 15.70 -1.39
CA LEU B 97 8.85 15.78 -0.11
C LEU B 97 9.77 17.00 -0.10
N SER B 98 10.06 17.52 -1.30
CA SER B 98 10.94 18.68 -1.48
C SER B 98 10.23 20.03 -1.58
N GLN B 99 8.90 20.01 -1.41
CA GLN B 99 8.15 21.25 -1.46
C GLN B 99 8.31 21.96 -0.11
N ASN B 100 8.11 23.26 -0.11
CA ASN B 100 8.23 24.06 1.11
C ASN B 100 6.98 24.90 1.29
N PRO B 101 6.12 24.48 2.23
CA PRO B 101 6.31 23.30 3.07
C PRO B 101 6.11 21.98 2.33
N PRO B 102 6.78 20.90 2.78
CA PRO B 102 6.63 19.61 2.11
C PRO B 102 5.16 19.16 2.14
N CYS B 103 4.77 18.30 1.22
CA CYS B 103 3.40 17.80 1.14
C CYS B 103 3.05 16.90 2.32
N GLY B 104 2.08 17.31 3.13
CA GLY B 104 1.68 16.55 4.30
C GLY B 104 0.72 15.39 4.07
N ARG B 105 0.14 14.87 5.15
CA ARG B 105 -0.79 13.76 5.03
C ARG B 105 -2.17 14.21 4.62
N ASP B 106 -2.37 15.52 4.59
CA ASP B 106 -3.66 16.09 4.21
C ASP B 106 -3.68 16.28 2.71
N THR B 107 -2.52 16.13 2.07
CA THR B 107 -2.40 16.28 0.63
C THR B 107 -3.48 15.54 -0.11
N VAL B 108 -3.84 16.06 -1.27
CA VAL B 108 -4.84 15.45 -2.13
C VAL B 108 -4.23 15.45 -3.51
N VAL B 109 -3.91 14.26 -4.01
CA VAL B 109 -3.30 14.11 -5.32
C VAL B 109 -4.33 14.04 -6.45
N ILE B 110 -4.07 14.78 -7.53
CA ILE B 110 -4.96 14.79 -8.69
C ILE B 110 -4.31 13.98 -9.81
N ALA B 111 -5.01 12.99 -10.33
CA ALA B 111 -4.46 12.17 -11.41
C ALA B 111 -5.12 12.59 -12.73
N LEU B 112 -4.51 13.52 -13.45
CA LEU B 112 -5.06 13.97 -14.71
C LEU B 112 -4.36 13.31 -15.87
N GLY B 113 -5.01 12.31 -16.46
CA GLY B 113 -4.44 11.60 -17.58
C GLY B 113 -5.14 10.26 -17.79
N GLY B 114 -4.49 9.34 -18.50
CA GLY B 114 -5.10 8.05 -18.73
C GLY B 114 -4.56 6.92 -17.87
N GLY B 115 -4.64 5.69 -18.38
CA GLY B 115 -4.16 4.55 -17.65
C GLY B 115 -2.80 4.79 -17.02
N VAL B 116 -1.84 5.23 -17.82
CA VAL B 116 -0.49 5.49 -17.33
C VAL B 116 -0.46 6.46 -16.15
N ILE B 117 -1.09 7.62 -16.32
CA ILE B 117 -1.13 8.61 -15.26
C ILE B 117 -1.91 8.12 -14.07
N GLY B 118 -3.05 7.48 -14.34
CA GLY B 118 -3.88 6.97 -13.27
C GLY B 118 -3.20 5.96 -12.37
N ASP B 119 -2.57 4.95 -12.97
CA ASP B 119 -1.88 3.90 -12.22
C ASP B 119 -0.71 4.40 -11.39
N LEU B 120 0.12 5.23 -12.00
CA LEU B 120 1.30 5.79 -11.35
C LEU B 120 0.88 6.70 -10.19
N THR B 121 0.08 7.70 -10.52
CA THR B 121 -0.41 8.67 -9.55
C THR B 121 -1.13 7.95 -8.40
N GLY B 122 -2.06 7.07 -8.74
CA GLY B 122 -2.77 6.34 -7.71
C GLY B 122 -1.85 5.60 -6.75
N PHE B 123 -0.79 5.01 -7.30
CA PHE B 123 0.18 4.25 -6.51
C PHE B 123 1.10 5.12 -5.67
N VAL B 124 1.34 6.35 -6.11
CA VAL B 124 2.20 7.27 -5.38
C VAL B 124 1.50 7.66 -4.08
N ALA B 125 0.23 8.03 -4.21
CA ALA B 125 -0.58 8.45 -3.09
C ALA B 125 -0.80 7.33 -2.08
N SER B 126 -0.92 6.11 -2.57
CA SER B 126 -1.16 4.97 -1.71
C SER B 126 -0.06 4.80 -0.68
N THR B 127 1.18 5.11 -1.06
CA THR B 127 2.31 4.96 -0.16
C THR B 127 2.89 6.26 0.40
N TYR B 128 2.56 7.40 -0.19
CA TYR B 128 3.10 8.66 0.35
C TYR B 128 2.72 8.78 1.84
N MET B 129 3.71 8.65 2.71
CA MET B 129 3.49 8.72 4.15
C MET B 129 2.37 7.75 4.51
N ARG B 130 2.57 6.51 4.08
CA ARG B 130 1.64 5.41 4.29
C ARG B 130 0.20 5.70 3.83
N GLY B 131 0.04 6.64 2.91
CA GLY B 131 -1.29 6.90 2.41
C GLY B 131 -1.88 8.29 2.50
N VAL B 132 -2.19 8.86 1.33
CA VAL B 132 -2.81 10.18 1.23
C VAL B 132 -3.99 10.12 0.25
N ARG B 133 -4.92 11.06 0.38
CA ARG B 133 -6.09 11.09 -0.47
C ARG B 133 -5.79 11.43 -1.92
N TYR B 134 -6.66 10.99 -2.84
CA TYR B 134 -6.48 11.32 -4.24
C TYR B 134 -7.75 11.17 -5.07
N VAL B 135 -7.73 11.76 -6.27
CA VAL B 135 -8.87 11.71 -7.15
C VAL B 135 -8.48 11.36 -8.59
N GLN B 136 -9.46 10.80 -9.29
CA GLN B 136 -9.27 10.37 -10.66
C GLN B 136 -9.96 11.27 -11.68
N VAL B 137 -9.17 11.77 -12.61
CA VAL B 137 -9.69 12.61 -13.68
C VAL B 137 -9.23 11.92 -14.97
N PRO B 138 -9.88 10.80 -15.31
CA PRO B 138 -9.54 10.06 -16.52
C PRO B 138 -9.76 10.84 -17.80
N THR B 139 -8.66 11.03 -18.54
CA THR B 139 -8.63 11.76 -19.80
C THR B 139 -8.98 10.92 -21.04
N THR B 140 -8.85 9.61 -20.90
CA THR B 140 -9.15 8.69 -21.99
C THR B 140 -10.42 7.91 -21.72
N LEU B 141 -11.12 7.51 -22.76
CA LEU B 141 -12.34 6.75 -22.62
C LEU B 141 -12.07 5.45 -21.87
N LEU B 142 -10.98 4.77 -22.27
CA LEU B 142 -10.57 3.52 -21.66
C LEU B 142 -10.44 3.73 -20.16
N ALA B 143 -9.83 4.85 -19.78
CA ALA B 143 -9.62 5.18 -18.38
C ALA B 143 -10.88 5.70 -17.69
N MET B 144 -11.87 6.12 -18.46
CA MET B 144 -13.08 6.62 -17.86
C MET B 144 -13.93 5.46 -17.37
N VAL B 145 -14.17 4.52 -18.27
CA VAL B 145 -15.01 3.37 -17.96
C VAL B 145 -14.37 2.16 -17.29
N ASP B 146 -13.04 2.09 -17.26
CA ASP B 146 -12.36 0.93 -16.67
C ASP B 146 -11.15 1.23 -15.77
N SER B 147 -10.13 1.88 -16.32
CA SER B 147 -8.91 2.21 -15.59
C SER B 147 -9.12 2.90 -14.23
N SER B 148 -9.65 4.11 -14.26
CA SER B 148 -9.87 4.91 -13.05
C SER B 148 -10.80 4.29 -11.98
N ILE B 149 -11.63 3.35 -12.37
CA ILE B 149 -12.57 2.71 -11.42
C ILE B 149 -12.09 1.35 -10.93
N GLY B 150 -11.97 1.17 -9.61
CA GLY B 150 -11.52 -0.11 -9.11
C GLY B 150 -10.44 -0.05 -8.03
N GLY B 151 -9.72 1.07 -8.00
CA GLY B 151 -8.68 1.26 -7.01
C GLY B 151 -7.36 0.58 -7.31
N LYS B 152 -7.24 -0.05 -8.48
CA LYS B 152 -6.00 -0.72 -8.83
C LYS B 152 -4.94 0.26 -9.32
N THR B 153 -3.81 0.30 -8.62
CA THR B 153 -2.70 1.18 -8.96
C THR B 153 -1.41 0.37 -8.99
N ALA B 154 -0.43 0.82 -9.77
CA ALA B 154 0.85 0.12 -9.88
C ALA B 154 1.79 0.76 -10.90
N ILE B 155 2.97 0.17 -11.06
CA ILE B 155 3.98 0.65 -11.99
C ILE B 155 4.51 -0.56 -12.76
N ASP B 156 5.31 -0.31 -13.79
CA ASP B 156 5.89 -1.42 -14.56
C ASP B 156 7.40 -1.58 -14.27
N THR B 157 7.87 -2.80 -14.44
CA THR B 157 9.29 -3.09 -14.24
C THR B 157 9.76 -3.80 -15.51
N PRO B 158 11.08 -3.91 -15.69
CA PRO B 158 11.69 -4.57 -16.85
C PRO B 158 11.25 -6.04 -16.98
N LEU B 159 10.62 -6.56 -15.94
CA LEU B 159 10.17 -7.95 -15.93
C LEU B 159 8.67 -8.09 -16.20
N GLY B 160 7.95 -6.97 -16.22
CA GLY B 160 6.53 -7.06 -16.46
C GLY B 160 5.70 -5.85 -16.04
N LYS B 161 4.44 -5.83 -16.47
CA LYS B 161 3.51 -4.73 -16.20
C LYS B 161 2.81 -4.90 -14.88
N ASN B 162 2.50 -3.78 -14.24
CA ASN B 162 1.80 -3.75 -12.95
C ASN B 162 2.24 -4.87 -12.00
N LEU B 163 3.51 -4.90 -11.65
CA LEU B 163 4.01 -5.93 -10.75
C LEU B 163 4.14 -5.43 -9.31
N ILE B 164 4.34 -4.13 -9.17
CA ILE B 164 4.46 -3.50 -7.86
C ILE B 164 3.36 -2.47 -7.78
N GLY B 165 2.52 -2.56 -6.77
CA GLY B 165 1.45 -1.60 -6.63
C GLY B 165 0.57 -1.91 -5.44
N ALA B 166 -0.54 -1.20 -5.32
CA ALA B 166 -1.44 -1.41 -4.21
C ALA B 166 -2.88 -1.08 -4.60
N ILE B 167 -3.83 -1.54 -3.78
CA ILE B 167 -5.24 -1.27 -3.99
C ILE B 167 -5.55 -0.06 -3.12
N TRP B 168 -5.69 1.10 -3.75
CA TRP B 168 -5.97 2.35 -3.06
C TRP B 168 -7.15 3.00 -3.80
N GLN B 169 -8.29 3.09 -3.13
CA GLN B 169 -9.46 3.68 -3.76
C GLN B 169 -9.38 5.19 -3.84
N PRO B 170 -9.76 5.77 -4.99
CA PRO B 170 -9.71 7.22 -5.15
C PRO B 170 -10.88 7.86 -4.40
N THR B 171 -10.62 8.98 -3.72
CA THR B 171 -11.68 9.65 -2.98
C THR B 171 -12.76 10.13 -3.94
N LYS B 172 -12.33 10.53 -5.14
CA LYS B 172 -13.26 11.01 -6.16
C LYS B 172 -12.82 10.53 -7.54
N ILE B 173 -13.78 10.41 -8.46
CA ILE B 173 -13.49 9.99 -9.84
C ILE B 173 -14.31 10.92 -10.74
N TYR B 174 -13.66 11.95 -11.26
CA TYR B 174 -14.31 12.93 -12.12
C TYR B 174 -14.26 12.53 -13.59
N ILE B 175 -15.41 12.13 -14.11
CA ILE B 175 -15.53 11.71 -15.50
C ILE B 175 -15.97 12.89 -16.38
N ASP B 176 -15.04 13.71 -16.86
CA ASP B 176 -15.42 14.83 -17.73
C ASP B 176 -15.52 14.31 -19.16
N LEU B 177 -16.75 14.08 -19.62
CA LEU B 177 -17.00 13.56 -20.96
C LEU B 177 -16.60 14.56 -22.02
N GLU B 178 -16.04 15.69 -21.60
CA GLU B 178 -15.62 16.71 -22.55
C GLU B 178 -14.19 16.44 -23.05
N PHE B 179 -13.50 15.52 -22.37
CA PHE B 179 -12.14 15.16 -22.77
C PHE B 179 -12.17 14.39 -24.06
N LEU B 180 -13.29 13.70 -24.28
CA LEU B 180 -13.48 12.90 -25.47
C LEU B 180 -13.53 13.76 -26.73
N GLU B 181 -13.95 15.01 -26.57
CA GLU B 181 -14.05 15.94 -27.70
C GLU B 181 -12.71 16.09 -28.40
N THR B 182 -11.63 15.89 -27.65
CA THR B 182 -10.29 16.05 -28.22
C THR B 182 -9.43 14.80 -28.11
N LEU B 183 -10.04 13.70 -27.67
CA LEU B 183 -9.33 12.44 -27.53
C LEU B 183 -9.10 11.89 -28.93
N PRO B 184 -7.82 11.67 -29.29
CA PRO B 184 -7.51 11.13 -30.63
C PRO B 184 -8.49 10.04 -31.02
N VAL B 185 -8.95 10.07 -32.26
CA VAL B 185 -9.90 9.07 -32.74
C VAL B 185 -9.55 7.64 -32.31
N ARG B 186 -8.38 7.16 -32.70
CA ARG B 186 -7.95 5.81 -32.36
C ARG B 186 -8.13 5.47 -30.90
N GLU B 187 -7.81 6.43 -30.03
CA GLU B 187 -7.94 6.22 -28.60
C GLU B 187 -9.38 6.01 -28.17
N PHE B 188 -10.29 6.67 -28.87
CA PHE B 188 -11.72 6.54 -28.58
C PHE B 188 -12.20 5.15 -28.99
N ILE B 189 -12.05 4.81 -30.27
CA ILE B 189 -12.42 3.49 -30.73
C ILE B 189 -11.85 2.50 -29.71
N ASN B 190 -10.59 2.72 -29.32
CA ASN B 190 -9.92 1.84 -28.36
C ASN B 190 -10.71 1.61 -27.07
N GLY B 191 -11.19 2.69 -26.46
CA GLY B 191 -11.94 2.56 -25.23
C GLY B 191 -13.29 1.88 -25.40
N MET B 192 -13.90 2.01 -26.58
CA MET B 192 -15.20 1.41 -26.86
C MET B 192 -15.17 -0.11 -26.78
N ALA B 193 -13.98 -0.69 -26.72
CA ALA B 193 -13.86 -2.14 -26.65
C ALA B 193 -14.33 -2.65 -25.29
N GLU B 194 -13.97 -1.94 -24.24
CA GLU B 194 -14.34 -2.32 -22.90
C GLU B 194 -15.81 -2.01 -22.68
N VAL B 195 -16.27 -0.92 -23.28
CA VAL B 195 -17.67 -0.49 -23.17
C VAL B 195 -18.59 -1.57 -23.72
N ILE B 196 -18.24 -2.06 -24.91
CA ILE B 196 -18.99 -3.10 -25.58
C ILE B 196 -18.86 -4.40 -24.77
N LYS B 197 -17.67 -4.63 -24.24
CA LYS B 197 -17.37 -5.80 -23.42
C LYS B 197 -18.36 -5.91 -22.25
N THR B 198 -18.46 -4.80 -21.51
CA THR B 198 -19.35 -4.70 -20.37
C THR B 198 -20.80 -5.00 -20.74
N ALA B 199 -21.28 -4.35 -21.79
CA ALA B 199 -22.64 -4.52 -22.25
C ALA B 199 -22.94 -5.97 -22.61
N ALA B 200 -22.07 -6.55 -23.42
CA ALA B 200 -22.22 -7.94 -23.87
C ALA B 200 -22.22 -8.98 -22.75
N ILE B 201 -21.81 -8.60 -21.55
CA ILE B 201 -21.77 -9.53 -20.42
C ILE B 201 -22.74 -9.15 -19.30
N SER B 202 -23.75 -8.34 -19.61
CA SER B 202 -24.69 -7.91 -18.58
C SER B 202 -26.07 -7.45 -19.02
N SER B 203 -26.16 -6.85 -20.20
CA SER B 203 -27.43 -6.35 -20.69
C SER B 203 -27.63 -6.38 -22.20
N GLU B 204 -28.32 -7.42 -22.69
CA GLU B 204 -28.59 -7.57 -24.11
C GLU B 204 -29.30 -6.30 -24.56
N GLU B 205 -30.05 -5.72 -23.63
CA GLU B 205 -30.77 -4.49 -23.89
C GLU B 205 -29.77 -3.37 -24.15
N GLU B 206 -28.81 -3.20 -23.25
CA GLU B 206 -27.78 -2.18 -23.40
C GLU B 206 -26.91 -2.41 -24.64
N PHE B 207 -26.60 -3.68 -24.89
CA PHE B 207 -25.80 -4.03 -26.06
C PHE B 207 -26.53 -3.52 -27.32
N THR B 208 -27.85 -3.66 -27.37
CA THR B 208 -28.61 -3.20 -28.53
C THR B 208 -28.47 -1.70 -28.78
N ALA B 209 -28.48 -0.92 -27.70
CA ALA B 209 -28.34 0.53 -27.80
C ALA B 209 -27.02 0.88 -28.49
N LEU B 210 -25.97 0.15 -28.11
CA LEU B 210 -24.64 0.36 -28.68
C LEU B 210 -24.67 0.11 -30.17
N GLU B 211 -25.39 -0.92 -30.59
CA GLU B 211 -25.47 -1.25 -32.01
C GLU B 211 -26.17 -0.13 -32.79
N GLU B 212 -27.25 0.40 -32.20
CA GLU B 212 -28.02 1.46 -32.83
C GLU B 212 -27.24 2.77 -32.92
N ASN B 213 -26.76 3.27 -31.78
CA ASN B 213 -26.01 4.52 -31.77
C ASN B 213 -24.65 4.41 -32.47
N ALA B 214 -24.25 3.18 -32.77
CA ALA B 214 -22.97 2.90 -33.43
C ALA B 214 -22.60 3.91 -34.52
N GLU B 215 -23.43 3.98 -35.55
CA GLU B 215 -23.15 4.89 -36.67
C GLU B 215 -23.01 6.33 -36.22
N THR B 216 -24.05 6.82 -35.56
CA THR B 216 -24.08 8.19 -35.05
C THR B 216 -22.82 8.53 -34.28
N ILE B 217 -22.63 7.85 -33.15
CA ILE B 217 -21.46 8.07 -32.32
C ILE B 217 -20.19 8.08 -33.16
N LEU B 218 -19.99 7.04 -33.97
CA LEU B 218 -18.79 6.97 -34.78
C LEU B 218 -18.73 8.11 -35.79
N LYS B 219 -19.88 8.60 -36.22
CA LYS B 219 -19.91 9.71 -37.17
C LYS B 219 -19.38 10.97 -36.48
N ALA B 220 -19.82 11.19 -35.24
CA ALA B 220 -19.39 12.35 -34.46
C ALA B 220 -17.89 12.29 -34.25
N VAL B 221 -17.41 11.18 -33.72
CA VAL B 221 -15.99 11.01 -33.46
C VAL B 221 -15.12 11.39 -34.67
N ARG B 222 -15.59 11.03 -35.86
CA ARG B 222 -14.83 11.32 -37.08
C ARG B 222 -15.03 12.71 -37.67
N ARG B 223 -16.23 13.27 -37.54
CA ARG B 223 -16.48 14.60 -38.09
C ARG B 223 -15.47 15.61 -37.57
N GLU B 224 -15.20 16.62 -38.39
CA GLU B 224 -14.30 17.68 -37.98
C GLU B 224 -15.22 18.69 -37.33
N VAL B 225 -14.92 19.08 -36.10
CA VAL B 225 -15.77 20.03 -35.41
C VAL B 225 -15.32 21.46 -35.67
N THR B 226 -16.26 22.30 -36.09
CA THR B 226 -15.98 23.71 -36.36
C THR B 226 -15.64 24.36 -35.02
N PRO B 227 -14.70 25.31 -35.01
CA PRO B 227 -14.32 25.97 -33.75
C PRO B 227 -15.52 26.39 -32.91
N GLY B 228 -15.39 26.23 -31.59
CA GLY B 228 -16.45 26.61 -30.68
C GLY B 228 -17.58 25.61 -30.49
N GLU B 229 -17.86 24.83 -31.52
CA GLU B 229 -18.92 23.84 -31.46
C GLU B 229 -18.52 22.66 -30.58
N HIS B 230 -19.52 21.91 -30.16
CA HIS B 230 -19.29 20.73 -29.33
C HIS B 230 -19.34 19.49 -30.22
N ARG B 231 -18.20 18.80 -30.30
CA ARG B 231 -18.05 17.58 -31.07
C ARG B 231 -19.32 16.73 -31.11
N PHE B 232 -19.90 16.51 -29.93
CA PHE B 232 -21.09 15.68 -29.79
C PHE B 232 -22.40 16.43 -29.61
N GLU B 233 -22.71 17.34 -30.51
CA GLU B 233 -23.96 18.11 -30.44
C GLU B 233 -25.13 17.27 -30.91
N GLY B 234 -26.18 17.19 -30.10
CA GLY B 234 -27.34 16.41 -30.47
C GLY B 234 -27.34 15.00 -29.93
N THR B 235 -26.17 14.48 -29.60
CA THR B 235 -26.05 13.12 -29.06
C THR B 235 -25.45 13.11 -27.65
N GLU B 236 -25.33 14.29 -27.06
CA GLU B 236 -24.77 14.40 -25.73
C GLU B 236 -25.37 13.35 -24.82
N GLU B 237 -26.69 13.29 -24.74
CA GLU B 237 -27.36 12.31 -23.89
C GLU B 237 -27.12 10.87 -24.30
N ILE B 238 -27.06 10.63 -25.61
CA ILE B 238 -26.82 9.29 -26.13
C ILE B 238 -25.45 8.84 -25.66
N LEU B 239 -24.44 9.64 -25.98
CA LEU B 239 -23.06 9.35 -25.58
C LEU B 239 -23.01 9.12 -24.08
N LYS B 240 -23.48 10.10 -23.31
CA LYS B 240 -23.50 9.99 -21.85
C LYS B 240 -24.07 8.65 -21.39
N ALA B 241 -25.27 8.31 -21.84
CA ALA B 241 -25.91 7.06 -21.47
C ALA B 241 -25.02 5.84 -21.72
N ARG B 242 -24.58 5.66 -22.97
CA ARG B 242 -23.75 4.53 -23.38
C ARG B 242 -22.44 4.37 -22.59
N ILE B 243 -21.81 5.50 -22.28
CA ILE B 243 -20.54 5.49 -21.54
C ILE B 243 -20.73 5.20 -20.07
N LEU B 244 -21.53 6.04 -19.41
CA LEU B 244 -21.80 5.87 -17.99
C LEU B 244 -22.38 4.50 -17.69
N ALA B 245 -23.03 3.90 -18.68
CA ALA B 245 -23.59 2.59 -18.48
C ALA B 245 -22.47 1.60 -18.20
N SER B 246 -21.37 1.72 -18.93
CA SER B 246 -20.25 0.81 -18.73
C SER B 246 -19.59 1.07 -17.39
N ALA B 247 -19.25 2.33 -17.13
CA ALA B 247 -18.60 2.71 -15.87
C ALA B 247 -19.42 2.32 -14.67
N ARG B 248 -20.75 2.41 -14.82
CA ARG B 248 -21.70 2.09 -13.76
C ARG B 248 -21.60 0.61 -13.41
N HIS B 249 -21.44 -0.22 -14.43
CA HIS B 249 -21.31 -1.65 -14.23
C HIS B 249 -19.96 -1.96 -13.57
N LYS B 250 -18.91 -1.29 -14.02
CA LYS B 250 -17.58 -1.50 -13.47
C LYS B 250 -17.66 -1.22 -11.97
N ALA B 251 -18.34 -0.11 -11.64
CA ALA B 251 -18.53 0.31 -10.26
C ALA B 251 -19.32 -0.71 -9.43
N TYR B 252 -20.33 -1.32 -10.05
CA TYR B 252 -21.17 -2.32 -9.39
C TYR B 252 -20.39 -3.58 -9.06
N VAL B 253 -19.45 -3.93 -9.93
CA VAL B 253 -18.62 -5.11 -9.76
C VAL B 253 -17.58 -4.87 -8.67
N VAL B 254 -17.10 -3.64 -8.59
CA VAL B 254 -16.11 -3.26 -7.59
C VAL B 254 -16.76 -3.30 -6.22
N SER B 255 -18.00 -2.84 -6.18
CA SER B 255 -18.80 -2.76 -4.96
C SER B 255 -19.31 -4.11 -4.47
N ALA B 256 -19.62 -5.03 -5.36
CA ALA B 256 -20.09 -6.35 -4.95
C ALA B 256 -19.00 -7.05 -4.16
N ASP B 257 -18.90 -6.70 -2.88
CA ASP B 257 -17.90 -7.24 -1.97
C ASP B 257 -17.88 -8.76 -1.83
N GLU B 258 -17.15 -9.20 -0.81
CA GLU B 258 -16.99 -10.61 -0.49
C GLU B 258 -16.16 -11.37 -1.51
N ARG B 259 -15.97 -12.66 -1.26
CA ARG B 259 -15.19 -13.51 -2.14
C ARG B 259 -15.94 -13.81 -3.43
N GLU B 260 -16.65 -12.80 -3.93
CA GLU B 260 -17.41 -12.95 -5.16
C GLU B 260 -16.59 -12.45 -6.34
N GLY B 261 -15.49 -13.15 -6.62
CA GLY B 261 -14.65 -12.80 -7.73
C GLY B 261 -15.22 -13.50 -8.95
N GLY B 262 -16.55 -13.60 -8.98
CA GLY B 262 -17.22 -14.25 -10.09
C GLY B 262 -17.57 -13.17 -11.09
N LEU B 263 -18.15 -12.08 -10.60
CA LEU B 263 -18.53 -10.96 -11.46
C LEU B 263 -17.27 -10.27 -11.96
N ARG B 264 -16.30 -10.13 -11.06
CA ARG B 264 -15.03 -9.49 -11.37
C ARG B 264 -14.33 -10.34 -12.42
N ASN B 265 -14.76 -11.59 -12.49
CA ASN B 265 -14.17 -12.53 -13.42
C ASN B 265 -14.76 -12.34 -14.81
N LEU B 266 -16.03 -11.96 -14.83
CA LEU B 266 -16.73 -11.74 -16.09
C LEU B 266 -16.17 -10.52 -16.82
N LEU B 267 -15.44 -9.68 -16.08
CA LEU B 267 -14.83 -8.47 -16.63
C LEU B 267 -13.56 -8.79 -17.42
N ASN B 268 -13.26 -10.07 -17.53
CA ASN B 268 -12.08 -10.51 -18.26
C ASN B 268 -12.51 -11.23 -19.53
N TRP B 269 -13.76 -11.04 -19.92
CA TRP B 269 -14.23 -11.66 -21.15
C TRP B 269 -13.41 -11.03 -22.26
N GLY B 270 -12.91 -11.85 -23.18
CA GLY B 270 -12.11 -11.35 -24.28
C GLY B 270 -10.66 -11.11 -23.93
N HIS B 271 -10.38 -10.97 -22.64
CA HIS B 271 -9.02 -10.72 -22.16
C HIS B 271 -8.15 -11.98 -22.09
N SER B 272 -8.77 -13.15 -21.93
CA SER B 272 -8.00 -14.38 -21.86
C SER B 272 -7.16 -14.48 -23.11
N ILE B 273 -7.81 -14.43 -24.26
CA ILE B 273 -7.13 -14.50 -25.54
C ILE B 273 -6.60 -13.12 -25.88
N GLY B 274 -7.33 -12.10 -25.46
CA GLY B 274 -6.93 -10.73 -25.73
C GLY B 274 -5.53 -10.44 -25.21
N HIS B 275 -5.28 -10.80 -23.95
CA HIS B 275 -3.97 -10.56 -23.37
C HIS B 275 -2.87 -11.30 -24.11
N ALA B 276 -3.19 -12.52 -24.55
CA ALA B 276 -2.24 -13.35 -25.29
C ALA B 276 -1.86 -12.66 -26.58
N ILE B 277 -2.86 -12.07 -27.25
CA ILE B 277 -2.63 -11.32 -28.49
C ILE B 277 -1.78 -10.10 -28.15
N GLU B 278 -2.25 -9.32 -27.17
CA GLU B 278 -1.56 -8.10 -26.78
C GLU B 278 -0.10 -8.27 -26.37
N ALA B 279 0.20 -9.34 -25.65
CA ALA B 279 1.58 -9.57 -25.25
C ALA B 279 2.47 -9.65 -26.49
N ILE B 280 1.89 -10.05 -27.63
CA ILE B 280 2.64 -10.18 -28.86
C ILE B 280 2.65 -8.89 -29.71
N LEU B 281 1.47 -8.30 -29.93
CA LEU B 281 1.35 -7.09 -30.76
C LEU B 281 1.62 -5.72 -30.13
N THR B 282 1.65 -5.65 -28.80
CA THR B 282 1.92 -4.40 -28.13
C THR B 282 3.39 -4.08 -28.44
N PRO B 283 3.75 -2.78 -28.48
CA PRO B 283 2.92 -1.61 -28.24
C PRO B 283 2.38 -1.02 -29.52
N GLN B 284 2.51 -1.75 -30.62
CA GLN B 284 2.01 -1.28 -31.91
C GLN B 284 0.48 -1.33 -31.88
N ILE B 285 -0.08 -2.37 -31.26
CA ILE B 285 -1.53 -2.53 -31.15
C ILE B 285 -1.93 -2.31 -29.69
N LEU B 286 -2.98 -1.51 -29.50
CA LEU B 286 -3.47 -1.16 -28.17
C LEU B 286 -4.32 -2.23 -27.47
N HIS B 287 -4.46 -2.08 -26.16
CA HIS B 287 -5.24 -3.00 -25.34
C HIS B 287 -6.66 -3.23 -25.88
N GLY B 288 -7.43 -2.15 -26.05
CA GLY B 288 -8.79 -2.29 -26.57
C GLY B 288 -8.85 -3.00 -27.90
N GLU B 289 -7.90 -2.73 -28.77
CA GLU B 289 -7.87 -3.36 -30.08
C GLU B 289 -7.68 -4.86 -29.93
N CYS B 290 -6.73 -5.26 -29.10
CA CYS B 290 -6.48 -6.68 -28.88
C CYS B 290 -7.68 -7.37 -28.22
N VAL B 291 -8.21 -6.73 -27.18
CA VAL B 291 -9.37 -7.25 -26.48
C VAL B 291 -10.59 -7.38 -27.41
N ALA B 292 -10.64 -6.57 -28.47
CA ALA B 292 -11.73 -6.65 -29.44
C ALA B 292 -11.61 -8.01 -30.15
N ILE B 293 -10.42 -8.30 -30.69
CA ILE B 293 -10.15 -9.55 -31.36
C ILE B 293 -10.35 -10.69 -30.35
N GLY B 294 -9.94 -10.44 -29.11
CA GLY B 294 -10.07 -11.41 -28.06
C GLY B 294 -11.51 -11.82 -27.78
N MET B 295 -12.41 -10.83 -27.73
CA MET B 295 -13.81 -11.11 -27.47
C MET B 295 -14.37 -11.95 -28.60
N VAL B 296 -13.98 -11.55 -29.81
CA VAL B 296 -14.42 -12.27 -30.98
C VAL B 296 -14.05 -13.75 -30.84
N LYS B 297 -12.76 -14.01 -30.60
CA LYS B 297 -12.26 -15.37 -30.42
C LYS B 297 -12.97 -16.09 -29.29
N GLU B 298 -13.04 -15.47 -28.11
CA GLU B 298 -13.69 -16.07 -26.96
C GLU B 298 -15.17 -16.30 -27.17
N ALA B 299 -15.73 -15.62 -28.17
CA ALA B 299 -17.15 -15.76 -28.46
C ALA B 299 -17.30 -16.96 -29.40
N GLU B 300 -16.28 -17.14 -30.24
CA GLU B 300 -16.27 -18.25 -31.17
C GLU B 300 -16.15 -19.52 -30.37
N LEU B 301 -15.32 -19.47 -29.32
CA LEU B 301 -15.09 -20.63 -28.47
C LEU B 301 -16.40 -21.07 -27.80
N ALA B 302 -17.18 -20.12 -27.30
CA ALA B 302 -18.45 -20.48 -26.67
C ALA B 302 -19.33 -21.15 -27.72
N ARG B 303 -19.22 -20.71 -28.96
CA ARG B 303 -20.01 -21.28 -30.05
C ARG B 303 -19.52 -22.68 -30.35
N HIS B 304 -18.20 -22.85 -30.24
CA HIS B 304 -17.51 -24.12 -30.47
C HIS B 304 -17.92 -25.18 -29.46
N LEU B 305 -18.13 -24.76 -28.22
CA LEU B 305 -18.54 -25.67 -27.15
C LEU B 305 -20.04 -25.84 -27.18
N GLY B 306 -20.69 -25.17 -28.14
CA GLY B 306 -22.14 -25.25 -28.26
C GLY B 306 -22.86 -24.41 -27.24
N ILE B 307 -22.11 -23.57 -26.53
CA ILE B 307 -22.67 -22.70 -25.50
C ILE B 307 -23.34 -21.47 -26.11
N LEU B 308 -22.64 -20.83 -27.04
CA LEU B 308 -23.13 -19.62 -27.69
C LEU B 308 -23.66 -19.88 -29.10
N LYS B 309 -24.73 -19.18 -29.46
CA LYS B 309 -25.35 -19.31 -30.78
C LYS B 309 -24.65 -18.40 -31.80
N GLY B 310 -24.52 -18.87 -33.02
CA GLY B 310 -23.86 -18.11 -34.08
C GLY B 310 -24.33 -16.67 -34.24
N VAL B 311 -25.63 -16.46 -34.37
CA VAL B 311 -26.20 -15.13 -34.54
C VAL B 311 -25.65 -14.14 -33.51
N ALA B 312 -25.38 -14.64 -32.31
CA ALA B 312 -24.85 -13.81 -31.25
C ALA B 312 -23.41 -13.43 -31.58
N VAL B 313 -22.62 -14.42 -31.99
CA VAL B 313 -21.23 -14.17 -32.34
C VAL B 313 -21.13 -13.11 -33.43
N SER B 314 -22.00 -13.22 -34.43
CA SER B 314 -22.02 -12.28 -35.55
C SER B 314 -22.27 -10.86 -35.07
N ARG B 315 -23.17 -10.73 -34.10
CA ARG B 315 -23.50 -9.43 -33.54
C ARG B 315 -22.31 -8.79 -32.82
N ILE B 316 -21.58 -9.61 -32.07
CA ILE B 316 -20.40 -9.17 -31.34
C ILE B 316 -19.47 -8.56 -32.39
N VAL B 317 -19.27 -9.31 -33.47
CA VAL B 317 -18.39 -8.91 -34.56
C VAL B 317 -18.87 -7.67 -35.28
N LYS B 318 -20.15 -7.65 -35.63
CA LYS B 318 -20.73 -6.50 -36.33
C LYS B 318 -20.66 -5.26 -35.46
N CYS B 319 -21.06 -5.39 -34.20
CA CYS B 319 -21.03 -4.24 -33.30
C CYS B 319 -19.62 -3.71 -33.09
N LEU B 320 -18.66 -4.61 -32.84
CA LEU B 320 -17.29 -4.19 -32.64
C LEU B 320 -16.79 -3.41 -33.86
N ALA B 321 -17.08 -3.93 -35.04
CA ALA B 321 -16.66 -3.28 -36.29
C ALA B 321 -17.38 -1.95 -36.53
N ALA B 322 -18.65 -1.88 -36.15
CA ALA B 322 -19.43 -0.67 -36.33
C ALA B 322 -18.82 0.49 -35.55
N TYR B 323 -17.95 0.16 -34.61
CA TYR B 323 -17.29 1.16 -33.78
C TYR B 323 -15.82 1.26 -34.11
N GLY B 324 -15.48 0.91 -35.34
CA GLY B 324 -14.10 0.99 -35.76
C GLY B 324 -13.12 0.01 -35.15
N LEU B 325 -13.58 -0.96 -34.37
CA LEU B 325 -12.64 -1.91 -33.78
C LEU B 325 -12.35 -3.08 -34.69
N PRO B 326 -11.12 -3.60 -34.62
CA PRO B 326 -10.73 -4.74 -35.44
C PRO B 326 -11.40 -5.99 -34.92
N THR B 327 -11.56 -7.00 -35.78
CA THR B 327 -12.20 -8.24 -35.37
C THR B 327 -11.39 -9.48 -35.72
N SER B 328 -10.23 -9.29 -36.35
CA SER B 328 -9.36 -10.41 -36.72
C SER B 328 -7.92 -9.96 -36.91
N LEU B 329 -6.98 -10.83 -36.56
CA LEU B 329 -5.55 -10.50 -36.69
C LEU B 329 -5.16 -10.24 -38.16
N LYS B 330 -6.13 -10.45 -39.04
CA LYS B 330 -5.95 -10.25 -40.48
C LYS B 330 -6.28 -8.80 -40.81
N ASP B 331 -7.06 -8.17 -39.96
CA ASP B 331 -7.47 -6.78 -40.15
C ASP B 331 -6.30 -5.97 -40.70
N ALA B 332 -6.46 -5.46 -41.92
CA ALA B 332 -5.45 -4.66 -42.61
C ALA B 332 -4.67 -3.68 -41.72
N ARG B 333 -5.40 -2.88 -40.95
CA ARG B 333 -4.79 -1.88 -40.05
C ARG B 333 -3.84 -2.54 -39.05
N ILE B 334 -4.25 -3.66 -38.46
CA ILE B 334 -3.39 -4.41 -37.53
C ILE B 334 -2.17 -4.83 -38.38
N ARG B 335 -2.46 -5.65 -39.39
CA ARG B 335 -1.49 -6.17 -40.33
C ARG B 335 -0.39 -5.17 -40.69
N LYS B 336 -0.77 -3.93 -40.98
CA LYS B 336 0.21 -2.90 -41.36
C LYS B 336 1.05 -2.44 -40.19
N LEU B 337 0.39 -2.02 -39.12
CA LEU B 337 1.07 -1.52 -37.93
C LEU B 337 2.01 -2.49 -37.24
N THR B 338 1.79 -3.78 -37.47
CA THR B 338 2.63 -4.83 -36.89
C THR B 338 3.55 -5.38 -37.97
N ALA B 339 3.53 -4.74 -39.14
CA ALA B 339 4.36 -5.14 -40.26
C ALA B 339 4.36 -6.66 -40.41
N GLY B 340 3.17 -7.23 -40.57
CA GLY B 340 3.07 -8.67 -40.72
C GLY B 340 3.06 -9.33 -39.36
N LYS B 341 4.24 -9.40 -38.72
CA LYS B 341 4.42 -10.00 -37.40
C LYS B 341 3.30 -10.98 -37.05
N HIS B 342 3.59 -12.27 -37.19
CA HIS B 342 2.62 -13.33 -36.94
C HIS B 342 2.48 -13.79 -35.49
N CYS B 343 1.26 -14.11 -35.08
CA CYS B 343 0.97 -14.60 -33.73
C CYS B 343 0.64 -16.08 -33.82
N SER B 344 1.66 -16.93 -33.68
CA SER B 344 1.48 -18.38 -33.77
C SER B 344 0.55 -18.92 -32.69
N VAL B 345 -0.20 -19.95 -33.04
CA VAL B 345 -1.14 -20.57 -32.10
C VAL B 345 -0.38 -21.09 -30.89
N ASP B 346 0.94 -21.13 -31.01
CA ASP B 346 1.80 -21.62 -29.93
C ASP B 346 2.17 -20.53 -28.95
N GLN B 347 2.66 -19.41 -29.46
CA GLN B 347 3.03 -18.31 -28.59
C GLN B 347 1.78 -17.91 -27.83
N LEU B 348 0.65 -17.88 -28.55
CA LEU B 348 -0.62 -17.51 -27.97
C LEU B 348 -1.04 -18.41 -26.80
N MET B 349 -0.87 -19.72 -26.94
CA MET B 349 -1.24 -20.67 -25.88
C MET B 349 -0.20 -20.63 -24.75
N PHE B 350 0.96 -20.09 -25.04
CA PHE B 350 2.05 -19.96 -24.08
C PHE B 350 1.89 -18.70 -23.25
N ASN B 351 1.50 -17.62 -23.92
CA ASN B 351 1.29 -16.35 -23.27
C ASN B 351 0.10 -16.46 -22.32
N MET B 352 -0.87 -17.28 -22.71
CA MET B 352 -2.04 -17.50 -21.88
C MET B 352 -1.64 -18.31 -20.65
N ALA B 353 -0.92 -19.39 -20.89
CA ALA B 353 -0.44 -20.25 -19.80
C ALA B 353 0.39 -19.37 -18.88
N LEU B 354 1.16 -18.49 -19.50
CA LEU B 354 2.02 -17.56 -18.79
C LEU B 354 1.26 -16.82 -17.69
N ASP B 355 -0.07 -16.93 -17.74
CA ASP B 355 -0.97 -16.30 -16.76
C ASP B 355 -1.73 -17.40 -16.00
N LYS B 362 -5.04 -26.81 -18.42
CA LYS B 362 -6.19 -26.18 -19.10
C LYS B 362 -6.09 -24.66 -19.01
N LYS B 363 -7.20 -24.00 -19.33
CA LYS B 363 -7.28 -22.54 -19.29
C LYS B 363 -8.70 -22.14 -18.88
N LYS B 364 -8.84 -21.02 -18.19
CA LYS B 364 -10.16 -20.55 -17.76
C LYS B 364 -10.56 -19.30 -18.54
N ILE B 365 -11.58 -19.44 -19.38
CA ILE B 365 -12.06 -18.33 -20.21
C ILE B 365 -13.48 -17.94 -19.81
N VAL B 366 -13.83 -16.66 -19.99
CA VAL B 366 -15.16 -16.20 -19.68
C VAL B 366 -16.03 -16.58 -20.89
N LEU B 367 -17.07 -17.36 -20.62
CA LEU B 367 -17.96 -17.81 -21.68
C LEU B 367 -19.35 -17.20 -21.61
N LEU B 368 -19.91 -16.89 -22.77
CA LEU B 368 -21.25 -16.33 -22.85
C LEU B 368 -22.15 -17.35 -23.51
N SER B 369 -23.40 -17.43 -23.03
CA SER B 369 -24.39 -18.34 -23.57
C SER B 369 -25.35 -17.53 -24.45
N ALA B 370 -25.29 -16.21 -24.31
CA ALA B 370 -26.12 -15.32 -25.08
C ALA B 370 -25.69 -13.91 -24.76
N ILE B 371 -25.84 -13.01 -25.72
CA ILE B 371 -25.46 -11.63 -25.53
C ILE B 371 -26.11 -11.06 -24.27
N GLY B 372 -25.29 -10.66 -23.31
CA GLY B 372 -25.81 -10.10 -22.07
C GLY B 372 -26.08 -11.16 -21.02
N THR B 373 -25.73 -12.41 -21.34
CA THR B 373 -25.94 -13.53 -20.42
C THR B 373 -24.76 -14.49 -20.38
N PRO B 374 -23.94 -14.43 -19.32
CA PRO B 374 -22.76 -15.28 -19.11
C PRO B 374 -23.16 -16.75 -18.92
N TYR B 375 -22.25 -17.66 -19.24
CA TYR B 375 -22.52 -19.09 -19.08
C TYR B 375 -22.62 -19.42 -17.60
N GLU B 376 -21.54 -19.12 -16.88
CA GLU B 376 -21.48 -19.35 -15.44
C GLU B 376 -21.26 -17.96 -14.85
N THR B 377 -21.53 -17.80 -13.57
CA THR B 377 -21.34 -16.52 -12.92
C THR B 377 -19.87 -16.36 -12.55
N ARG B 378 -19.03 -17.09 -13.28
CA ARG B 378 -17.60 -17.06 -13.07
C ARG B 378 -16.95 -17.42 -14.39
N ALA B 379 -15.62 -17.44 -14.43
CA ALA B 379 -14.91 -17.82 -15.64
C ALA B 379 -15.00 -19.33 -15.71
N SER B 380 -15.26 -19.87 -16.90
CA SER B 380 -15.38 -21.31 -17.08
C SER B 380 -14.03 -21.94 -17.32
N VAL B 381 -13.96 -23.26 -17.21
CA VAL B 381 -12.72 -24.00 -17.43
C VAL B 381 -12.82 -24.63 -18.83
N VAL B 382 -11.84 -24.38 -19.69
CA VAL B 382 -11.87 -24.93 -21.05
C VAL B 382 -10.58 -25.64 -21.45
N ALA B 383 -10.73 -26.79 -22.11
CA ALA B 383 -9.59 -27.59 -22.55
C ALA B 383 -8.71 -26.84 -23.55
N ASN B 384 -7.40 -27.07 -23.49
CA ASN B 384 -6.45 -26.42 -24.40
C ASN B 384 -6.72 -26.70 -25.87
N GLU B 385 -6.92 -27.97 -26.22
CA GLU B 385 -7.19 -28.35 -27.60
C GLU B 385 -8.39 -27.58 -28.16
N ASP B 386 -9.40 -27.36 -27.35
CA ASP B 386 -10.57 -26.61 -27.79
C ASP B 386 -10.25 -25.15 -28.02
N ILE B 387 -9.33 -24.62 -27.22
CA ILE B 387 -8.93 -23.23 -27.34
C ILE B 387 -8.01 -23.04 -28.55
N ARG B 388 -7.20 -24.06 -28.82
CA ARG B 388 -6.28 -24.04 -29.95
C ARG B 388 -7.01 -24.15 -31.28
N VAL B 389 -8.23 -24.70 -31.28
CA VAL B 389 -8.96 -24.86 -32.54
C VAL B 389 -9.53 -23.54 -33.01
N VAL B 390 -9.65 -22.58 -32.10
CA VAL B 390 -10.16 -21.25 -32.47
C VAL B 390 -8.99 -20.31 -32.80
N LEU B 391 -7.79 -20.73 -32.45
CA LEU B 391 -6.60 -19.94 -32.72
C LEU B 391 -5.95 -20.37 -34.03
N ALA B 392 -6.60 -21.28 -34.73
CA ALA B 392 -6.07 -21.79 -36.00
C ALA B 392 -6.58 -20.99 -37.19
#